data_6P6I
#
_entry.id   6P6I
#
_cell.length_a   1.00
_cell.length_b   1.00
_cell.length_c   1.00
_cell.angle_alpha   90.00
_cell.angle_beta   90.00
_cell.angle_gamma   90.00
#
_symmetry.space_group_name_H-M   'P 1'
#
loop_
_entity.id
_entity.type
_entity.pdbx_description
1 polymer 'inner membrane ABC-transporter'
2 polymer 'ABC transporter protein'
#
loop_
_entity_poly.entity_id
_entity_poly.type
_entity_poly.pdbx_seq_one_letter_code
_entity_poly.pdbx_strand_id
1 'polypeptide(L)'
;MSSQSSNTESLSRFPLWQVITPVRRKVILAMALAGLAALTSLGALLFLAWSLRDIRATPDAIPAWPLGGVIGCVVLTFVL
RLQAFNTSHYAAFHLENILRSRLARKALQLPPGVLQQMGSGSVAKVMLDDVKSLHIFVADSTPLYARAIIMPLATIVILF
WLDWRLAIATLGVLAFGSVVLVLARQRSENMAQRYHKAREQVSAAVIEFVQAMPVVRTFDSGSTSFLRYQRALEEWVDVL
KTWYRKAGFSARFSFSILNPLPTLFVLIWSGYGLLHYGSFDFIAWVAVLLLGSGMAEAVMPMMMLNNLVAQTRLSIQRIY
QVLAMPELSLPQSDQQPQEASITFEQVSFHYPQARTGAALQEVSFHVPAGQIVALVGPSGAGKSTVARLLLRYADPDKGH
IRIGGVDLRDMQTDTLMKQLSFVFQDNFLFADTIANNIRLGAPDTPLEAVIAAARVAQAHDFISALPEGYNTRVGERGVF
LSGGQRQRITIARALLQDRPILVLDEATAFADPENEAALIKALAAAMRGRTVIMVAHRLSMVTQADVILLFSDGQLREMG
NHTQLLAQGGLYQRLWQHYQQAQHWVPGGTQEEVVENERQ
;
A
2 'polypeptide(L)'
;MKDNNPADNLAWRVIWRQLISSVGSQARMLRRSMLALLLAAFMQGIAFACLYPIIDALLRGDAPQLLNWAMAFSVAAIVT
LVLRWYGLGFEYRGHLAQATHELRLRLGEQLRRVPLEKLQRGRAGEMNALLLGSVDENLNYVIAIANILLLTIVTPLTAS
LATLWIDWRLGLVMLLIFPLLVPFYYWRRPAMRRQMQTLGEAHQRLSGDIVEFAQGMMVLRTCGSDADKSRALLAHFNAL
ENLQTRTHRQGAGATMLIASVVELGLQVVVLSGIVWVVTGTLNLAFLIAAVAMIMRFAEPMAMFISYTSVVELIASALQR
IEQFMAIAPLPVAEQSEMPERYDIRFDNVSYRYEEGDGHALNHVSLTFPAASMSALVGASGAGKTTVTKLLMRYADPQQG
QISIGGVDIRRLTPEQLNSLISVVFQDVWLFDDTLLANIRIARPQATRQEVEEAARAAQCLEFISRLPQGWLTPMGEMGG
QLSGGERQRISIARALLKNAPVVILDEPTAALDIESELAVQKAIDNLVHNRTVIIIAHRLSTIAGAGNILVMEEGQVVEQ
GTHAQLLSHHGRYQALWQAQMAARVWRDDGGSASGEWVHE
;
B
#
# COMPACT_ATOMS: atom_id res chain seq x y z
N GLN A 18 -15.04 -0.41 -29.90
CA GLN A 18 -16.28 -0.67 -29.19
C GLN A 18 -16.63 0.51 -28.29
N VAL A 19 -15.72 0.86 -27.39
CA VAL A 19 -15.99 1.91 -26.40
C VAL A 19 -15.72 3.26 -27.03
N ILE A 20 -16.63 4.20 -26.85
CA ILE A 20 -16.63 5.45 -27.62
C ILE A 20 -16.24 6.67 -26.80
N THR A 21 -16.62 6.75 -25.52
CA THR A 21 -16.42 7.97 -24.74
C THR A 21 -14.96 8.31 -24.41
N PRO A 22 -14.01 7.36 -24.26
CA PRO A 22 -12.58 7.76 -24.20
C PRO A 22 -11.99 8.32 -25.50
N VAL A 23 -10.67 8.24 -25.61
CA VAL A 23 -9.82 8.97 -26.55
C VAL A 23 -9.67 8.14 -27.83
N ARG A 24 -10.72 7.37 -28.14
CA ARG A 24 -10.84 6.33 -29.15
C ARG A 24 -10.19 6.63 -30.49
N ARG A 25 -10.13 7.89 -30.92
CA ARG A 25 -9.50 8.21 -32.20
C ARG A 25 -8.00 7.90 -32.18
N LYS A 26 -7.30 8.35 -31.15
CA LYS A 26 -5.85 8.15 -31.10
C LYS A 26 -5.51 6.70 -30.80
N VAL A 27 -6.30 6.02 -29.97
CA VAL A 27 -5.95 4.65 -29.65
C VAL A 27 -6.37 3.68 -30.75
N ILE A 28 -7.40 3.98 -31.54
CA ILE A 28 -7.73 3.14 -32.69
C ILE A 28 -6.72 3.39 -33.81
N LEU A 29 -6.21 4.62 -33.93
CA LEU A 29 -5.10 4.87 -34.85
C LEU A 29 -3.86 4.08 -34.44
N ALA A 30 -3.55 4.03 -33.14
CA ALA A 30 -2.38 3.26 -32.70
C ALA A 30 -2.58 1.77 -32.88
N MET A 31 -3.81 1.27 -32.67
CA MET A 31 -4.07 -0.16 -32.84
C MET A 31 -3.98 -0.57 -34.31
N ALA A 32 -4.57 0.22 -35.21
CA ALA A 32 -4.49 -0.09 -36.63
C ALA A 32 -3.08 0.12 -37.17
N LEU A 33 -2.32 1.04 -36.59
CA LEU A 33 -0.97 1.28 -37.04
C LEU A 33 -0.05 0.13 -36.64
N ALA A 34 -0.17 -0.37 -35.41
CA ALA A 34 0.61 -1.55 -35.03
C ALA A 34 0.14 -2.81 -35.76
N GLY A 35 -1.14 -2.87 -36.13
CA GLY A 35 -1.60 -3.99 -36.95
C GLY A 35 -1.01 -3.99 -38.33
N LEU A 36 -0.92 -2.82 -38.96
CA LEU A 36 -0.25 -2.71 -40.24
C LEU A 36 1.25 -2.96 -40.11
N ALA A 37 1.84 -2.64 -38.96
CA ALA A 37 3.24 -2.98 -38.73
C ALA A 37 3.45 -4.49 -38.66
N ALA A 38 2.54 -5.21 -38.01
CA ALA A 38 2.65 -6.68 -37.99
C ALA A 38 2.45 -7.28 -39.37
N LEU A 39 1.54 -6.71 -40.16
CA LEU A 39 1.33 -7.20 -41.51
C LEU A 39 2.55 -6.96 -42.41
N THR A 40 3.24 -5.83 -42.22
CA THR A 40 4.44 -5.63 -43.03
C THR A 40 5.63 -6.41 -42.51
N SER A 41 5.63 -6.81 -41.23
CA SER A 41 6.66 -7.76 -40.80
C SER A 41 6.46 -9.12 -41.44
N LEU A 42 5.21 -9.56 -41.58
CA LEU A 42 4.93 -10.75 -42.38
C LEU A 42 5.33 -10.55 -43.84
N GLY A 43 5.15 -9.34 -44.37
CA GLY A 43 5.61 -9.05 -45.71
C GLY A 43 7.12 -9.16 -45.84
N ALA A 44 7.85 -8.75 -44.80
CA ALA A 44 9.30 -8.87 -44.82
C ALA A 44 9.74 -10.33 -44.83
N LEU A 45 9.06 -11.17 -44.05
CA LEU A 45 9.42 -12.59 -44.04
C LEU A 45 9.07 -13.26 -45.37
N LEU A 46 7.96 -12.86 -45.99
CA LEU A 46 7.59 -13.45 -47.28
C LEU A 46 8.55 -12.99 -48.37
N PHE A 47 9.02 -11.76 -48.31
CA PHE A 47 10.02 -11.32 -49.28
C PHE A 47 11.36 -11.99 -49.03
N LEU A 48 11.64 -12.39 -47.80
CA LEU A 48 12.86 -13.14 -47.53
C LEU A 48 12.79 -14.52 -48.16
N ALA A 49 11.66 -15.21 -48.03
CA ALA A 49 11.50 -16.49 -48.71
C ALA A 49 11.51 -16.35 -50.23
N TRP A 50 10.94 -15.25 -50.73
CA TRP A 50 10.97 -14.95 -52.16
C TRP A 50 12.40 -14.73 -52.64
N SER A 51 13.21 -14.02 -51.87
CA SER A 51 14.61 -13.78 -52.22
C SER A 51 15.43 -15.06 -52.19
N LEU A 52 15.18 -15.92 -51.20
CA LEU A 52 15.92 -17.17 -51.16
C LEU A 52 15.46 -18.13 -52.25
N ARG A 53 14.21 -18.00 -52.70
CA ARG A 53 13.79 -18.70 -53.92
C ARG A 53 14.56 -18.20 -55.13
N ASP A 54 14.75 -16.88 -55.22
CA ASP A 54 15.48 -16.32 -56.34
C ASP A 54 16.95 -16.71 -56.32
N ILE A 55 17.49 -17.00 -55.12
CA ILE A 55 18.90 -17.38 -55.05
C ILE A 55 19.11 -18.89 -55.05
N ARG A 56 18.07 -19.68 -54.78
CA ARG A 56 18.20 -21.13 -54.87
C ARG A 56 17.84 -21.65 -56.25
N ALA A 57 16.83 -21.07 -56.90
CA ALA A 57 16.50 -21.44 -58.27
C ALA A 57 17.60 -21.04 -59.23
N THR A 58 18.32 -19.98 -58.91
CA THR A 58 19.53 -19.61 -59.65
C THR A 58 20.56 -18.97 -58.73
N PRO A 59 21.60 -19.72 -58.35
CA PRO A 59 22.72 -19.10 -57.62
C PRO A 59 23.48 -18.14 -58.51
N ASP A 60 23.39 -16.86 -58.18
CA ASP A 60 23.79 -15.79 -59.08
C ASP A 60 24.34 -14.65 -58.24
N ALA A 61 24.37 -13.45 -58.80
CA ALA A 61 24.66 -12.26 -58.02
C ALA A 61 23.51 -11.97 -57.05
N ILE A 62 23.75 -11.01 -56.17
CA ILE A 62 22.81 -10.67 -55.09
C ILE A 62 21.51 -10.12 -55.66
N PRO A 63 20.33 -10.67 -55.30
CA PRO A 63 19.09 -10.25 -55.93
C PRO A 63 18.66 -8.86 -55.51
N ALA A 64 18.37 -8.00 -56.48
CA ALA A 64 18.14 -6.59 -56.16
C ALA A 64 16.74 -6.35 -55.60
N TRP A 65 15.70 -6.67 -56.38
CA TRP A 65 14.34 -6.31 -55.97
C TRP A 65 13.82 -7.05 -54.73
N PRO A 66 13.95 -8.37 -54.58
CA PRO A 66 13.40 -8.96 -53.35
C PRO A 66 14.18 -8.63 -52.10
N LEU A 67 15.51 -8.49 -52.18
CA LEU A 67 16.25 -8.12 -50.98
C LEU A 67 16.05 -6.65 -50.65
N GLY A 68 15.84 -5.81 -51.66
CA GLY A 68 15.41 -4.46 -51.41
C GLY A 68 14.04 -4.41 -50.76
N GLY A 69 13.16 -5.32 -51.16
CA GLY A 69 11.86 -5.43 -50.51
C GLY A 69 11.98 -5.90 -49.07
N VAL A 70 12.96 -6.75 -48.78
CA VAL A 70 13.20 -7.22 -47.41
C VAL A 70 13.65 -6.07 -46.53
N ILE A 71 14.69 -5.34 -46.95
CA ILE A 71 15.22 -4.28 -46.10
C ILE A 71 14.22 -3.12 -46.03
N GLY A 72 13.44 -2.89 -47.08
CA GLY A 72 12.41 -1.87 -47.03
C GLY A 72 11.26 -2.23 -46.12
N CYS A 73 10.84 -3.50 -46.13
CA CYS A 73 9.75 -3.91 -45.25
C CYS A 73 10.20 -3.98 -43.80
N VAL A 74 11.49 -4.24 -43.55
CA VAL A 74 11.99 -4.18 -42.18
C VAL A 74 12.03 -2.74 -41.67
N VAL A 75 12.52 -1.80 -42.47
CA VAL A 75 12.61 -0.43 -41.97
C VAL A 75 11.21 0.21 -41.90
N LEU A 76 10.30 -0.20 -42.77
CA LEU A 76 8.94 0.30 -42.68
C LEU A 76 8.22 -0.30 -41.48
N THR A 77 8.49 -1.57 -41.16
CA THR A 77 7.89 -2.19 -39.99
C THR A 77 8.39 -1.55 -38.70
N PHE A 78 9.68 -1.23 -38.64
CA PHE A 78 10.20 -0.57 -37.44
C PHE A 78 9.68 0.86 -37.30
N VAL A 79 9.61 1.62 -38.41
CA VAL A 79 9.12 3.00 -38.33
C VAL A 79 7.64 3.02 -37.96
N LEU A 80 6.86 2.12 -38.55
CA LEU A 80 5.43 2.03 -38.25
C LEU A 80 5.20 1.58 -36.81
N ARG A 81 6.01 0.65 -36.30
CA ARG A 81 5.83 0.21 -34.92
C ARG A 81 6.26 1.29 -33.95
N LEU A 82 7.25 2.10 -34.32
CA LEU A 82 7.67 3.21 -33.48
C LEU A 82 6.60 4.29 -33.41
N GLN A 83 5.95 4.58 -34.54
CA GLN A 83 4.87 5.56 -34.52
C GLN A 83 3.64 5.02 -33.80
N ALA A 84 3.40 3.71 -33.88
CA ALA A 84 2.31 3.12 -33.09
C ALA A 84 2.61 3.17 -31.60
N PHE A 85 3.88 2.99 -31.23
CA PHE A 85 4.29 3.13 -29.83
C PHE A 85 4.10 4.55 -29.34
N ASN A 86 4.52 5.54 -30.13
CA ASN A 86 4.40 6.94 -29.74
C ASN A 86 2.94 7.37 -29.60
N THR A 87 2.10 6.95 -30.55
CA THR A 87 0.70 7.35 -30.50
C THR A 87 -0.06 6.62 -29.39
N SER A 88 0.27 5.35 -29.11
CA SER A 88 -0.38 4.65 -28.01
C SER A 88 0.04 5.21 -26.66
N HIS A 89 1.32 5.57 -26.51
CA HIS A 89 1.73 6.17 -25.24
C HIS A 89 1.19 7.58 -25.06
N TYR A 90 1.00 8.33 -26.15
CA TYR A 90 0.35 9.63 -26.01
C TYR A 90 -1.11 9.46 -25.62
N ALA A 91 -1.77 8.42 -26.14
CA ALA A 91 -3.14 8.11 -25.73
C ALA A 91 -3.20 7.73 -24.26
N ALA A 92 -2.22 6.98 -23.77
CA ALA A 92 -2.21 6.59 -22.37
C ALA A 92 -1.95 7.77 -21.45
N PHE A 93 -1.03 8.66 -21.84
CA PHE A 93 -0.76 9.86 -21.05
C PHE A 93 -1.97 10.79 -21.01
N HIS A 94 -2.65 10.96 -22.14
CA HIS A 94 -3.82 11.83 -22.16
C HIS A 94 -4.98 11.23 -21.38
N LEU A 95 -5.15 9.91 -21.41
CA LEU A 95 -6.23 9.31 -20.64
C LEU A 95 -5.93 9.34 -19.14
N GLU A 96 -4.65 9.20 -18.77
CA GLU A 96 -4.27 9.37 -17.37
C GLU A 96 -4.51 10.79 -16.88
N ASN A 97 -4.23 11.79 -17.73
CA ASN A 97 -4.49 13.18 -17.35
C ASN A 97 -5.99 13.47 -17.24
N ILE A 98 -6.79 12.96 -18.18
CA ILE A 98 -8.23 13.18 -18.13
C ILE A 98 -8.84 12.49 -16.91
N LEU A 99 -8.32 11.32 -16.55
CA LEU A 99 -8.86 10.61 -15.39
C LEU A 99 -8.47 11.28 -14.09
N ARG A 100 -7.23 11.78 -13.98
CA ARG A 100 -6.85 12.51 -12.77
C ARG A 100 -7.59 13.84 -12.65
N SER A 101 -7.85 14.52 -13.77
CA SER A 101 -8.62 15.76 -13.73
C SER A 101 -10.06 15.52 -13.33
N ARG A 102 -10.68 14.46 -13.88
CA ARG A 102 -12.06 14.19 -13.53
C ARG A 102 -12.19 13.70 -12.09
N LEU A 103 -11.20 12.94 -11.60
CA LEU A 103 -11.24 12.51 -10.20
C LEU A 103 -10.99 13.68 -9.24
N ALA A 104 -10.11 14.62 -9.61
CA ALA A 104 -9.89 15.77 -8.75
C ALA A 104 -11.11 16.70 -8.74
N ARG A 105 -11.77 16.87 -9.89
CA ARG A 105 -12.93 17.74 -9.91
C ARG A 105 -14.16 17.08 -9.30
N LYS A 106 -14.21 15.75 -9.29
CA LYS A 106 -15.28 15.07 -8.56
C LYS A 106 -15.02 15.05 -7.07
N ALA A 107 -13.77 14.85 -6.66
CA ALA A 107 -13.46 14.78 -5.24
C ALA A 107 -13.45 16.17 -4.60
N LEU A 108 -13.25 17.22 -5.40
CA LEU A 108 -13.37 18.57 -4.86
C LEU A 108 -14.81 18.89 -4.52
N GLN A 109 -15.74 18.46 -5.37
CA GLN A 109 -17.17 18.64 -5.16
C GLN A 109 -17.82 17.46 -4.45
N LEU A 110 -17.08 16.79 -3.59
CA LEU A 110 -17.59 15.59 -2.96
C LEU A 110 -18.22 15.94 -1.62
N PRO A 111 -19.29 15.29 -1.22
CA PRO A 111 -19.86 15.52 0.13
C PRO A 111 -18.92 15.02 1.21
N PRO A 112 -18.43 15.91 2.08
CA PRO A 112 -17.28 15.56 2.94
C PRO A 112 -17.55 14.49 3.97
N GLY A 113 -18.82 14.30 4.36
CA GLY A 113 -19.15 13.19 5.25
C GLY A 113 -19.12 11.84 4.55
N VAL A 114 -19.02 11.84 3.22
CA VAL A 114 -18.90 10.62 2.43
C VAL A 114 -17.43 10.56 2.03
N LEU A 115 -16.63 11.48 2.55
CA LEU A 115 -15.22 11.59 2.16
C LEU A 115 -14.24 11.24 3.26
N GLN A 116 -14.29 11.93 4.40
CA GLN A 116 -13.31 11.67 5.45
C GLN A 116 -13.70 10.41 6.23
N GLN A 117 -14.99 10.25 6.48
CA GLN A 117 -15.46 9.07 7.21
C GLN A 117 -15.48 7.85 6.31
N MET A 118 -15.70 8.05 5.01
CA MET A 118 -15.74 6.96 4.04
C MET A 118 -14.66 7.18 2.99
N GLY A 119 -13.59 6.40 3.10
CA GLY A 119 -12.51 6.51 2.13
C GLY A 119 -11.63 7.72 2.32
N SER A 120 -10.95 7.83 3.46
CA SER A 120 -9.98 8.90 3.66
C SER A 120 -8.73 8.65 2.84
N GLY A 121 -8.22 7.41 2.86
CA GLY A 121 -7.06 7.07 2.08
C GLY A 121 -7.39 6.35 0.78
N SER A 122 -8.66 5.98 0.59
CA SER A 122 -9.09 5.32 -0.64
C SER A 122 -9.03 6.22 -1.86
N VAL A 123 -9.18 7.53 -1.69
CA VAL A 123 -9.21 8.42 -2.85
C VAL A 123 -7.80 8.61 -3.41
N ALA A 124 -6.79 8.70 -2.56
CA ALA A 124 -5.42 8.73 -3.06
C ALA A 124 -5.00 7.38 -3.63
N LYS A 125 -5.49 6.30 -3.02
CA LYS A 125 -5.24 4.95 -3.52
C LYS A 125 -5.79 4.77 -4.93
N VAL A 126 -7.02 5.21 -5.16
CA VAL A 126 -7.61 5.12 -6.49
C VAL A 126 -6.90 6.06 -7.45
N MET A 127 -6.75 7.34 -7.08
CA MET A 127 -6.16 8.36 -7.92
C MET A 127 -4.66 8.16 -8.16
N LEU A 128 -4.03 7.16 -7.55
CA LEU A 128 -2.72 6.70 -8.01
C LEU A 128 -2.82 5.38 -8.75
N ASP A 129 -3.38 4.34 -8.11
CA ASP A 129 -3.26 2.98 -8.61
C ASP A 129 -4.12 2.74 -9.83
N ASP A 130 -5.36 3.24 -9.85
CA ASP A 130 -6.22 2.99 -10.99
C ASP A 130 -5.74 3.74 -12.23
N VAL A 131 -5.26 4.97 -12.07
CA VAL A 131 -4.82 5.70 -13.25
C VAL A 131 -3.48 5.18 -13.75
N LYS A 132 -2.61 4.69 -12.85
CA LYS A 132 -1.40 4.02 -13.33
C LYS A 132 -1.74 2.71 -14.02
N SER A 133 -2.77 2.01 -13.55
CA SER A 133 -3.21 0.80 -14.22
C SER A 133 -3.77 1.10 -15.61
N LEU A 134 -4.48 2.21 -15.76
CA LEU A 134 -5.03 2.53 -17.07
C LEU A 134 -3.95 2.99 -18.05
N HIS A 135 -2.98 3.80 -17.59
CA HIS A 135 -1.82 4.14 -18.42
C HIS A 135 -1.04 2.91 -18.87
N ILE A 136 -0.70 2.04 -17.91
CA ILE A 136 0.09 0.85 -18.23
C ILE A 136 -0.69 -0.06 -19.16
N PHE A 137 -2.00 -0.18 -18.94
CA PHE A 137 -2.82 -1.08 -19.75
C PHE A 137 -2.90 -0.60 -21.19
N VAL A 138 -3.20 0.69 -21.40
CA VAL A 138 -3.35 1.20 -22.76
C VAL A 138 -2.03 1.12 -23.52
N ALA A 139 -0.95 1.65 -22.92
CA ALA A 139 0.31 1.79 -23.63
C ALA A 139 0.99 0.45 -23.84
N ASP A 140 0.73 -0.53 -22.97
CA ASP A 140 1.41 -1.80 -23.11
C ASP A 140 0.47 -2.87 -23.69
N SER A 141 -0.78 -2.51 -23.98
CA SER A 141 -1.71 -3.55 -24.39
C SER A 141 -2.29 -3.29 -25.77
N THR A 142 -2.08 -2.11 -26.35
CA THR A 142 -2.57 -1.98 -27.73
C THR A 142 -1.68 -2.63 -28.80
N PRO A 143 -0.30 -2.59 -28.74
CA PRO A 143 0.46 -3.44 -29.67
C PRO A 143 0.27 -4.93 -29.46
N LEU A 144 0.02 -5.35 -28.21
CA LEU A 144 -0.30 -6.75 -27.96
C LEU A 144 -1.62 -7.15 -28.60
N TYR A 145 -2.62 -6.25 -28.56
CA TYR A 145 -3.88 -6.47 -29.25
C TYR A 145 -3.66 -6.66 -30.74
N ALA A 146 -2.93 -5.73 -31.37
CA ALA A 146 -2.73 -5.79 -32.81
C ALA A 146 -1.91 -7.02 -33.22
N ARG A 147 -0.87 -7.38 -32.47
CA ARG A 147 -0.10 -8.57 -32.77
C ARG A 147 -0.95 -9.83 -32.62
N ALA A 148 -1.55 -10.04 -31.45
CA ALA A 148 -2.22 -11.31 -31.22
C ALA A 148 -3.58 -11.43 -31.89
N ILE A 149 -4.08 -10.40 -32.59
CA ILE A 149 -5.26 -10.66 -33.39
C ILE A 149 -5.00 -10.49 -34.88
N ILE A 150 -3.82 -10.01 -35.27
CA ILE A 150 -3.57 -9.84 -36.70
C ILE A 150 -2.48 -10.78 -37.21
N MET A 151 -1.42 -11.02 -36.43
CA MET A 151 -0.40 -11.98 -36.86
C MET A 151 -0.92 -13.41 -36.99
N PRO A 152 -1.58 -14.04 -36.01
CA PRO A 152 -1.99 -15.43 -36.24
C PRO A 152 -3.26 -15.58 -37.05
N LEU A 153 -3.89 -14.49 -37.50
CA LEU A 153 -4.98 -14.65 -38.45
C LEU A 153 -4.56 -14.25 -39.85
N ALA A 154 -3.36 -13.71 -40.01
CA ALA A 154 -2.79 -13.50 -41.34
C ALA A 154 -1.79 -14.58 -41.72
N THR A 155 -1.08 -15.15 -40.75
CA THR A 155 -0.19 -16.27 -41.06
C THR A 155 -0.98 -17.48 -41.55
N ILE A 156 -2.23 -17.64 -41.14
CA ILE A 156 -3.01 -18.79 -41.60
C ILE A 156 -3.39 -18.63 -43.06
N VAL A 157 -3.73 -17.41 -43.47
CA VAL A 157 -4.00 -17.13 -44.87
C VAL A 157 -2.74 -17.34 -45.71
N ILE A 158 -1.60 -16.85 -45.23
CA ILE A 158 -0.37 -16.95 -46.01
C ILE A 158 0.11 -18.41 -46.07
N LEU A 159 -0.08 -19.17 -44.99
CA LEU A 159 0.31 -20.58 -45.00
C LEU A 159 -0.61 -21.42 -45.88
N PHE A 160 -1.92 -21.12 -45.88
CA PHE A 160 -2.82 -21.83 -46.79
C PHE A 160 -2.53 -21.48 -48.23
N TRP A 161 -2.06 -20.26 -48.49
CA TRP A 161 -1.66 -19.93 -49.85
C TRP A 161 -0.37 -20.64 -50.23
N LEU A 162 0.57 -20.77 -49.30
CA LEU A 162 1.89 -21.30 -49.59
C LEU A 162 1.90 -22.81 -49.75
N ASP A 163 1.27 -23.54 -48.82
CA ASP A 163 1.26 -24.99 -48.90
C ASP A 163 -0.01 -25.52 -48.27
N TRP A 164 -0.72 -26.37 -49.01
CA TRP A 164 -1.99 -26.93 -48.54
C TRP A 164 -1.78 -27.83 -47.34
N ARG A 165 -0.75 -28.66 -47.38
CA ARG A 165 -0.29 -29.36 -46.18
C ARG A 165 0.68 -28.46 -45.46
N LEU A 166 1.03 -28.86 -44.24
CA LEU A 166 1.96 -28.25 -43.29
C LEU A 166 1.42 -26.95 -42.68
N ALA A 167 0.32 -26.41 -43.19
CA ALA A 167 -0.45 -25.43 -42.44
C ALA A 167 -1.49 -26.15 -41.61
N ILE A 168 -2.02 -27.25 -42.14
CA ILE A 168 -2.81 -28.16 -41.33
C ILE A 168 -1.93 -28.83 -40.28
N ALA A 169 -0.65 -29.03 -40.56
CA ALA A 169 0.21 -29.70 -39.58
C ALA A 169 0.67 -28.74 -38.49
N THR A 170 0.97 -27.50 -38.86
CA THR A 170 1.35 -26.52 -37.84
C THR A 170 0.12 -26.09 -37.02
N LEU A 171 -1.04 -25.99 -37.66
CA LEU A 171 -2.27 -25.83 -36.90
C LEU A 171 -2.57 -27.05 -36.04
N GLY A 172 -2.12 -28.24 -36.47
CA GLY A 172 -2.30 -29.42 -35.64
C GLY A 172 -1.43 -29.40 -34.40
N VAL A 173 -0.19 -28.92 -34.53
CA VAL A 173 0.67 -28.89 -33.35
C VAL A 173 0.33 -27.70 -32.46
N LEU A 174 -0.38 -26.69 -33.00
CA LEU A 174 -0.89 -25.66 -32.11
C LEU A 174 -2.17 -26.12 -31.42
N ALA A 175 -3.03 -26.85 -32.13
CA ALA A 175 -4.34 -27.20 -31.61
C ALA A 175 -4.33 -28.45 -30.75
N PHE A 176 -3.30 -29.30 -30.87
CA PHE A 176 -3.22 -30.47 -30.00
C PHE A 176 -3.02 -30.07 -28.55
N GLY A 177 -2.25 -29.01 -28.33
CA GLY A 177 -2.10 -28.48 -26.99
C GLY A 177 -3.39 -27.93 -26.42
N SER A 178 -4.16 -27.21 -27.25
CA SER A 178 -5.41 -26.64 -26.74
C SER A 178 -6.49 -27.70 -26.57
N VAL A 179 -6.47 -28.76 -27.39
CA VAL A 179 -7.41 -29.85 -27.21
C VAL A 179 -7.11 -30.63 -25.93
N VAL A 180 -5.84 -30.96 -25.67
CA VAL A 180 -5.52 -31.68 -24.44
C VAL A 180 -5.67 -30.76 -23.22
N LEU A 181 -5.47 -29.45 -23.39
CA LEU A 181 -5.65 -28.49 -22.31
C LEU A 181 -7.12 -28.36 -21.92
N VAL A 182 -8.01 -28.21 -22.91
CA VAL A 182 -9.44 -28.10 -22.63
C VAL A 182 -10.04 -29.42 -22.17
N LEU A 183 -9.59 -30.55 -22.74
CA LEU A 183 -10.00 -31.86 -22.26
C LEU A 183 -9.48 -32.15 -20.85
N ALA A 184 -8.41 -31.45 -20.41
CA ALA A 184 -7.93 -31.60 -19.05
C ALA A 184 -8.86 -30.94 -18.03
N ARG A 185 -9.81 -30.11 -18.47
CA ARG A 185 -10.82 -29.57 -17.56
C ARG A 185 -11.91 -30.57 -17.21
N GLN A 186 -11.84 -31.80 -17.73
CA GLN A 186 -12.70 -32.87 -17.24
C GLN A 186 -12.33 -33.23 -15.80
N ARG A 187 -11.05 -33.22 -15.48
CA ARG A 187 -10.60 -33.20 -14.10
C ARG A 187 -10.64 -31.77 -13.62
N SER A 188 -11.84 -31.29 -13.27
CA SER A 188 -12.13 -29.87 -13.14
C SER A 188 -11.44 -29.26 -11.93
N GLU A 189 -11.37 -27.93 -11.93
CA GLU A 189 -10.66 -27.18 -10.91
C GLU A 189 -11.52 -26.92 -9.68
N ASN A 190 -12.67 -26.26 -9.86
CA ASN A 190 -13.61 -25.86 -8.80
C ASN A 190 -12.93 -25.05 -7.70
N MET A 191 -11.96 -24.23 -8.08
CA MET A 191 -11.13 -23.51 -7.13
C MET A 191 -10.84 -22.07 -7.51
N ALA A 192 -11.82 -21.33 -8.02
CA ALA A 192 -11.65 -19.88 -8.12
C ALA A 192 -12.17 -19.18 -6.88
N GLN A 193 -13.41 -19.46 -6.49
CA GLN A 193 -14.00 -18.78 -5.34
C GLN A 193 -13.44 -19.31 -4.03
N ARG A 194 -13.20 -20.61 -3.93
CA ARG A 194 -12.68 -21.18 -2.69
C ARG A 194 -11.22 -20.75 -2.46
N TYR A 195 -10.41 -20.77 -3.51
CA TYR A 195 -9.05 -20.27 -3.39
C TYR A 195 -9.04 -18.77 -3.11
N HIS A 196 -9.99 -18.03 -3.69
CA HIS A 196 -10.00 -16.60 -3.46
C HIS A 196 -10.44 -16.24 -2.04
N LYS A 197 -11.37 -17.00 -1.47
CA LYS A 197 -11.75 -16.72 -0.10
C LYS A 197 -10.70 -17.21 0.89
N ALA A 198 -9.94 -18.26 0.55
CA ALA A 198 -8.81 -18.62 1.41
C ALA A 198 -7.68 -17.59 1.31
N ARG A 199 -7.51 -16.98 0.14
CA ARG A 199 -6.53 -15.91 -0.01
C ARG A 199 -6.92 -14.68 0.79
N GLU A 200 -8.22 -14.32 0.76
CA GLU A 200 -8.71 -13.21 1.57
C GLU A 200 -8.58 -13.51 3.06
N GLN A 201 -8.78 -14.77 3.43
CA GLN A 201 -8.69 -15.16 4.83
C GLN A 201 -7.27 -15.07 5.35
N VAL A 202 -6.27 -15.54 4.60
CA VAL A 202 -4.89 -15.39 5.07
C VAL A 202 -4.40 -13.96 4.94
N SER A 203 -4.92 -13.17 4.00
CA SER A 203 -4.51 -11.78 3.95
C SER A 203 -5.23 -10.94 5.01
N ALA A 204 -6.25 -11.48 5.65
CA ALA A 204 -6.77 -10.86 6.85
C ALA A 204 -6.00 -11.29 8.08
N ALA A 205 -5.67 -12.59 8.18
CA ALA A 205 -5.03 -13.11 9.39
C ALA A 205 -3.53 -12.91 9.41
N VAL A 206 -2.94 -12.28 8.40
CA VAL A 206 -1.59 -11.74 8.56
C VAL A 206 -1.62 -10.29 9.00
N ILE A 207 -2.63 -9.53 8.54
CA ILE A 207 -2.76 -8.13 8.92
C ILE A 207 -3.16 -8.01 10.39
N GLU A 208 -4.05 -8.90 10.84
CA GLU A 208 -4.41 -8.96 12.25
C GLU A 208 -3.21 -9.28 13.12
N PHE A 209 -2.33 -10.16 12.66
CA PHE A 209 -1.12 -10.49 13.40
C PHE A 209 -0.17 -9.31 13.47
N VAL A 210 0.12 -8.69 12.32
CA VAL A 210 1.13 -7.64 12.32
C VAL A 210 0.63 -6.35 12.95
N GLN A 211 -0.69 -6.20 13.13
CA GLN A 211 -1.22 -5.20 14.02
C GLN A 211 -1.21 -5.62 15.49
N ALA A 212 -1.41 -6.90 15.78
CA ALA A 212 -1.43 -7.37 17.15
C ALA A 212 -0.04 -7.51 17.74
N MET A 213 0.99 -7.39 16.94
CA MET A 213 2.33 -7.61 17.47
C MET A 213 2.89 -6.47 18.34
N PRO A 214 2.69 -5.17 18.08
CA PRO A 214 3.14 -4.18 19.08
C PRO A 214 2.36 -4.19 20.37
N VAL A 215 1.19 -4.80 20.41
CA VAL A 215 0.33 -4.73 21.59
C VAL A 215 0.54 -5.92 22.51
N VAL A 216 0.51 -7.14 21.97
CA VAL A 216 0.52 -8.36 22.79
C VAL A 216 1.87 -8.62 23.43
N ARG A 217 2.92 -7.91 23.02
CA ARG A 217 4.23 -8.13 23.63
C ARG A 217 4.31 -7.57 25.04
N THR A 218 3.44 -6.60 25.38
CA THR A 218 3.38 -6.13 26.76
C THR A 218 2.65 -7.14 27.66
N PHE A 219 1.93 -8.08 27.06
CA PHE A 219 1.40 -9.26 27.74
C PHE A 219 2.47 -10.33 27.74
N ASP A 220 2.04 -11.59 27.91
CA ASP A 220 2.89 -12.74 27.63
C ASP A 220 3.47 -12.66 26.23
N SER A 221 4.59 -13.39 26.01
CA SER A 221 5.56 -13.15 24.94
C SER A 221 4.99 -13.16 23.52
N GLY A 222 3.74 -13.59 23.32
CA GLY A 222 3.09 -13.43 22.03
C GLY A 222 2.54 -14.72 21.50
N SER A 223 2.33 -15.70 22.39
CA SER A 223 2.18 -17.08 21.94
C SER A 223 0.83 -17.36 21.31
N THR A 224 -0.26 -16.79 21.84
CA THR A 224 -1.57 -17.17 21.31
C THR A 224 -1.85 -16.49 19.98
N SER A 225 -1.43 -15.23 19.82
CA SER A 225 -1.61 -14.55 18.55
C SER A 225 -0.71 -15.16 17.48
N PHE A 226 0.51 -15.58 17.86
CA PHE A 226 1.37 -16.25 16.90
C PHE A 226 0.85 -17.63 16.55
N LEU A 227 0.21 -18.33 17.49
CA LEU A 227 -0.36 -19.63 17.15
C LEU A 227 -1.58 -19.50 16.27
N ARG A 228 -2.37 -18.43 16.46
CA ARG A 228 -3.47 -18.17 15.54
C ARG A 228 -2.95 -17.83 14.15
N TYR A 229 -1.86 -17.07 14.07
CA TYR A 229 -1.28 -16.72 12.78
C TYR A 229 -0.65 -17.94 12.11
N GLN A 230 -0.02 -18.82 12.88
CA GLN A 230 0.60 -20.01 12.30
C GLN A 230 -0.46 -21.01 11.83
N ARG A 231 -1.52 -21.19 12.60
CA ARG A 231 -2.59 -22.07 12.14
C ARG A 231 -3.52 -21.40 11.14
N ALA A 232 -3.32 -20.12 10.84
CA ALA A 232 -3.97 -19.55 9.66
C ALA A 232 -3.05 -19.58 8.45
N LEU A 233 -1.74 -19.72 8.66
CA LEU A 233 -0.85 -20.01 7.54
C LEU A 233 -0.99 -21.45 7.07
N GLU A 234 -1.00 -22.41 8.00
CA GLU A 234 -0.98 -23.81 7.61
C GLU A 234 -2.31 -24.33 7.09
N GLU A 235 -3.32 -23.48 6.95
CA GLU A 235 -4.50 -23.84 6.16
C GLU A 235 -4.40 -23.26 4.76
N TRP A 236 -3.85 -22.05 4.64
CA TRP A 236 -3.67 -21.48 3.33
C TRP A 236 -2.61 -22.21 2.53
N VAL A 237 -1.65 -22.83 3.21
CA VAL A 237 -0.68 -23.67 2.50
C VAL A 237 -1.35 -24.89 1.92
N ASP A 238 -2.27 -25.50 2.66
CA ASP A 238 -2.99 -26.65 2.13
C ASP A 238 -4.05 -26.27 1.11
N VAL A 239 -4.38 -24.98 0.98
CA VAL A 239 -5.17 -24.56 -0.17
C VAL A 239 -4.27 -24.32 -1.38
N LEU A 240 -3.17 -23.60 -1.18
CA LEU A 240 -2.27 -23.22 -2.27
C LEU A 240 -1.61 -24.43 -2.91
N LYS A 241 -1.17 -25.39 -2.11
CA LYS A 241 -0.48 -26.56 -2.62
C LYS A 241 -1.42 -27.44 -3.43
N THR A 242 -2.68 -27.57 -3.00
CA THR A 242 -3.61 -28.38 -3.79
C THR A 242 -4.09 -27.61 -5.01
N TRP A 243 -4.07 -26.28 -4.96
CA TRP A 243 -4.31 -25.50 -6.17
C TRP A 243 -3.21 -25.72 -7.20
N TYR A 244 -1.96 -25.80 -6.73
CA TYR A 244 -0.86 -26.10 -7.64
C TYR A 244 -0.95 -27.52 -8.17
N ARG A 245 -1.32 -28.49 -7.34
CA ARG A 245 -1.43 -29.85 -7.82
C ARG A 245 -2.72 -30.06 -8.61
N LYS A 246 -3.57 -29.05 -8.69
CA LYS A 246 -4.62 -29.07 -9.70
C LYS A 246 -4.14 -28.46 -11.01
N ALA A 247 -3.50 -27.29 -10.96
CA ALA A 247 -3.12 -26.57 -12.17
C ALA A 247 -1.79 -27.02 -12.75
N GLY A 248 -1.17 -28.05 -12.17
CA GLY A 248 0.20 -28.40 -12.54
C GLY A 248 0.34 -28.92 -13.95
N PHE A 249 -0.44 -29.94 -14.29
CA PHE A 249 -0.35 -30.53 -15.63
C PHE A 249 -0.75 -29.52 -16.70
N SER A 250 -1.78 -28.72 -16.45
CA SER A 250 -2.26 -27.79 -17.46
C SER A 250 -1.25 -26.68 -17.72
N ALA A 251 -0.66 -26.14 -16.67
CA ALA A 251 0.27 -25.04 -16.90
C ALA A 251 1.62 -25.52 -17.40
N ARG A 252 2.10 -26.67 -16.91
CA ARG A 252 3.36 -27.20 -17.44
C ARG A 252 3.21 -27.68 -18.87
N PHE A 253 2.02 -28.18 -19.23
CA PHE A 253 1.81 -28.63 -20.60
C PHE A 253 1.60 -27.45 -21.53
N SER A 254 1.00 -26.36 -21.05
CA SER A 254 0.89 -25.18 -21.90
C SER A 254 2.25 -24.50 -22.06
N PHE A 255 3.09 -24.55 -21.03
CA PHE A 255 4.42 -23.96 -21.15
C PHE A 255 5.36 -24.85 -21.95
N SER A 256 5.02 -26.13 -22.10
CA SER A 256 5.80 -26.99 -22.96
C SER A 256 5.26 -27.00 -24.39
N ILE A 257 4.01 -26.59 -24.58
CA ILE A 257 3.43 -26.57 -25.93
C ILE A 257 3.73 -25.25 -26.64
N LEU A 258 4.08 -24.21 -25.87
CA LEU A 258 4.46 -22.96 -26.51
C LEU A 258 5.95 -22.89 -26.81
N ASN A 259 6.70 -23.94 -26.48
CA ASN A 259 8.06 -24.06 -26.96
C ASN A 259 8.03 -24.23 -28.48
N PRO A 260 9.04 -23.71 -29.20
CA PRO A 260 9.07 -23.88 -30.66
C PRO A 260 9.47 -25.28 -31.10
N LEU A 261 9.85 -26.16 -30.18
CA LEU A 261 10.31 -27.49 -30.55
C LEU A 261 9.20 -28.48 -30.95
N PRO A 262 7.98 -28.47 -30.40
CA PRO A 262 6.91 -29.25 -31.05
C PRO A 262 6.55 -28.79 -32.46
N THR A 263 6.50 -27.49 -32.71
CA THR A 263 6.26 -27.00 -34.07
C THR A 263 7.42 -27.37 -34.99
N LEU A 264 8.64 -27.28 -34.49
CA LEU A 264 9.80 -27.73 -35.26
C LEU A 264 9.76 -29.23 -35.52
N PHE A 265 9.28 -30.01 -34.54
CA PHE A 265 9.20 -31.45 -34.74
C PHE A 265 8.17 -31.80 -35.78
N VAL A 266 7.03 -31.12 -35.78
CA VAL A 266 6.00 -31.37 -36.78
C VAL A 266 6.47 -30.95 -38.18
N LEU A 267 7.17 -29.81 -38.28
CA LEU A 267 7.68 -29.36 -39.56
C LEU A 267 8.77 -30.28 -40.11
N ILE A 268 9.68 -30.76 -39.24
CA ILE A 268 10.75 -31.62 -39.72
C ILE A 268 10.21 -32.99 -40.09
N TRP A 269 9.44 -33.60 -39.21
CA TRP A 269 8.93 -34.92 -39.54
C TRP A 269 7.70 -34.90 -40.44
N SER A 270 7.29 -33.73 -40.94
CA SER A 270 6.48 -33.70 -42.14
C SER A 270 7.31 -33.34 -43.36
N GLY A 271 8.52 -32.83 -43.16
CA GLY A 271 9.44 -32.69 -44.26
C GLY A 271 9.99 -34.03 -44.71
N TYR A 272 10.18 -34.96 -43.78
CA TYR A 272 10.59 -36.31 -44.14
C TYR A 272 9.40 -37.15 -44.58
N GLY A 273 8.20 -36.84 -44.08
CA GLY A 273 7.02 -37.58 -44.48
C GLY A 273 6.49 -37.20 -45.84
N LEU A 274 6.99 -36.11 -46.42
CA LEU A 274 6.55 -35.67 -47.74
C LEU A 274 7.61 -35.91 -48.81
N LEU A 275 8.78 -36.42 -48.44
CA LEU A 275 9.72 -36.85 -49.46
C LEU A 275 9.27 -38.13 -50.15
N HIS A 276 8.43 -38.92 -49.50
CA HIS A 276 7.92 -40.15 -50.10
C HIS A 276 6.74 -39.86 -51.03
N TYR A 277 5.66 -39.34 -50.47
CA TYR A 277 4.37 -39.31 -51.15
C TYR A 277 4.14 -37.97 -51.85
N GLY A 278 5.11 -37.59 -52.67
CA GLY A 278 4.99 -36.37 -53.45
C GLY A 278 5.62 -35.17 -52.76
N SER A 279 6.75 -34.71 -53.28
CA SER A 279 7.53 -33.69 -52.59
C SER A 279 6.94 -32.31 -52.85
N PHE A 280 6.56 -31.63 -51.78
CA PHE A 280 6.41 -30.18 -51.85
C PHE A 280 7.80 -29.58 -52.00
N ASP A 281 7.89 -28.48 -52.74
CA ASP A 281 9.18 -27.86 -53.01
C ASP A 281 9.79 -27.27 -51.76
N PHE A 282 11.11 -27.08 -51.78
CA PHE A 282 11.85 -26.79 -50.57
C PHE A 282 11.66 -25.36 -50.10
N ILE A 283 11.58 -24.42 -51.04
CA ILE A 283 11.47 -23.02 -50.63
C ILE A 283 10.06 -22.72 -50.13
N ALA A 284 9.06 -23.48 -50.60
CA ALA A 284 7.74 -23.41 -50.01
C ALA A 284 7.75 -24.02 -48.61
N TRP A 285 8.62 -25.00 -48.39
CA TRP A 285 8.73 -25.58 -47.06
C TRP A 285 9.36 -24.59 -46.09
N VAL A 286 10.40 -23.86 -46.50
CA VAL A 286 11.00 -22.92 -45.56
C VAL A 286 10.10 -21.71 -45.36
N ALA A 287 9.29 -21.36 -46.36
CA ALA A 287 8.31 -20.31 -46.17
C ALA A 287 7.19 -20.75 -45.26
N VAL A 288 6.97 -22.07 -45.15
CA VAL A 288 6.09 -22.56 -44.10
C VAL A 288 6.81 -22.57 -42.75
N LEU A 289 8.11 -22.83 -42.77
CA LEU A 289 8.89 -22.99 -41.55
C LEU A 289 8.96 -21.70 -40.75
N LEU A 290 9.05 -20.56 -41.42
CA LEU A 290 9.08 -19.30 -40.68
C LEU A 290 7.71 -18.92 -40.13
N LEU A 291 6.70 -18.91 -40.98
CA LEU A 291 5.41 -18.37 -40.60
C LEU A 291 4.66 -19.30 -39.66
N GLY A 292 4.93 -20.60 -39.72
CA GLY A 292 4.31 -21.50 -38.76
C GLY A 292 4.82 -21.30 -37.36
N SER A 293 6.09 -20.95 -37.22
CA SER A 293 6.64 -20.69 -35.89
C SER A 293 6.18 -19.34 -35.36
N GLY A 294 5.96 -18.37 -36.25
CA GLY A 294 5.31 -17.13 -35.84
C GLY A 294 3.90 -17.35 -35.33
N MET A 295 3.12 -18.15 -36.07
CA MET A 295 1.76 -18.47 -35.66
C MET A 295 1.74 -19.30 -34.38
N ALA A 296 2.78 -20.11 -34.15
CA ALA A 296 2.86 -20.88 -32.91
C ALA A 296 3.19 -20.00 -31.72
N GLU A 297 4.05 -18.99 -31.92
CA GLU A 297 4.42 -18.13 -30.79
C GLU A 297 3.35 -17.10 -30.51
N ALA A 298 2.38 -16.94 -31.41
CA ALA A 298 1.34 -15.92 -31.20
C ALA A 298 0.22 -16.37 -30.25
N VAL A 299 0.45 -17.35 -29.38
CA VAL A 299 -0.57 -17.73 -28.40
C VAL A 299 -0.30 -17.05 -27.06
N MET A 300 0.97 -16.85 -26.73
CA MET A 300 1.32 -16.30 -25.42
C MET A 300 0.94 -14.84 -25.21
N PRO A 301 1.11 -13.90 -26.18
CA PRO A 301 0.62 -12.55 -25.91
C PRO A 301 -0.89 -12.43 -25.87
N MET A 302 -1.62 -13.39 -26.44
CA MET A 302 -3.06 -13.46 -26.22
C MET A 302 -3.37 -13.71 -24.75
N MET A 303 -2.63 -14.62 -24.11
CA MET A 303 -2.83 -14.88 -22.69
C MET A 303 -2.38 -13.69 -21.84
N MET A 304 -1.32 -12.99 -22.29
CA MET A 304 -0.88 -11.80 -21.56
C MET A 304 -1.91 -10.67 -21.64
N LEU A 305 -2.51 -10.46 -22.81
CA LEU A 305 -3.49 -9.38 -22.91
C LEU A 305 -4.79 -9.77 -22.24
N ASN A 306 -5.09 -11.07 -22.15
CA ASN A 306 -6.26 -11.48 -21.38
C ASN A 306 -6.01 -11.27 -19.88
N ASN A 307 -4.79 -11.53 -19.43
CA ASN A 307 -4.38 -11.24 -18.06
C ASN A 307 -4.49 -9.75 -17.75
N LEU A 308 -4.11 -8.90 -18.69
CA LEU A 308 -4.21 -7.46 -18.45
C LEU A 308 -5.64 -6.96 -18.54
N VAL A 309 -6.44 -7.50 -19.47
CA VAL A 309 -7.83 -7.09 -19.63
C VAL A 309 -8.67 -7.44 -18.42
N ALA A 310 -8.42 -8.59 -17.78
CA ALA A 310 -9.20 -8.95 -16.59
C ALA A 310 -8.99 -7.99 -15.43
N GLN A 311 -7.73 -7.71 -15.08
CA GLN A 311 -7.48 -6.82 -13.95
C GLN A 311 -7.75 -5.36 -14.31
N THR A 312 -7.69 -5.00 -15.60
CA THR A 312 -8.08 -3.65 -15.98
C THR A 312 -9.59 -3.47 -15.91
N ARG A 313 -10.35 -4.52 -16.25
CA ARG A 313 -11.80 -4.46 -16.06
C ARG A 313 -12.16 -4.38 -14.58
N LEU A 314 -11.37 -5.03 -13.72
CA LEU A 314 -11.52 -4.87 -12.27
C LEU A 314 -11.27 -3.43 -11.84
N SER A 315 -10.19 -2.82 -12.31
CA SER A 315 -9.86 -1.46 -11.89
C SER A 315 -10.83 -0.44 -12.48
N ILE A 316 -11.39 -0.73 -13.65
CA ILE A 316 -12.37 0.18 -14.24
C ILE A 316 -13.72 0.06 -13.53
N GLN A 317 -14.04 -1.13 -13.01
CA GLN A 317 -15.21 -1.23 -12.14
C GLN A 317 -14.99 -0.46 -10.83
N ARG A 318 -13.76 -0.47 -10.32
CA ARG A 318 -13.44 0.34 -9.13
C ARG A 318 -13.52 1.84 -9.43
N ILE A 319 -13.01 2.28 -10.58
CA ILE A 319 -13.06 3.70 -10.90
C ILE A 319 -14.48 4.14 -11.22
N TYR A 320 -15.33 3.21 -11.65
CA TYR A 320 -16.70 3.62 -11.94
C TYR A 320 -17.55 3.62 -10.69
N GLN A 321 -17.22 2.79 -9.69
CA GLN A 321 -17.93 2.94 -8.43
C GLN A 321 -17.47 4.18 -7.66
N VAL A 322 -16.19 4.56 -7.81
CA VAL A 322 -15.75 5.82 -7.23
C VAL A 322 -16.34 7.01 -7.99
N LEU A 323 -16.50 6.88 -9.30
CA LEU A 323 -17.02 7.99 -10.09
C LEU A 323 -18.53 8.10 -9.96
N ALA A 324 -19.19 7.03 -9.57
CA ALA A 324 -20.64 7.04 -9.44
C ALA A 324 -21.13 7.17 -8.00
N MET A 325 -20.26 6.99 -7.01
CA MET A 325 -20.71 7.03 -5.63
C MET A 325 -21.13 8.43 -5.15
N PRO A 326 -20.33 9.50 -5.30
CA PRO A 326 -20.86 10.81 -4.90
C PRO A 326 -21.44 11.61 -6.06
N GLU A 327 -22.48 12.38 -5.75
CA GLU A 327 -23.09 13.28 -6.74
C GLU A 327 -23.27 14.66 -6.12
N LEU A 328 -22.20 15.45 -6.10
CA LEU A 328 -22.21 16.92 -5.99
C LEU A 328 -22.78 17.52 -4.71
N SER A 329 -23.30 16.69 -3.80
CA SER A 329 -23.88 17.08 -2.51
C SER A 329 -25.04 18.08 -2.64
N LEU A 330 -25.72 18.10 -3.79
CA LEU A 330 -26.82 19.00 -4.16
C LEU A 330 -26.38 20.46 -3.98
N PRO A 331 -25.61 21.01 -4.93
CA PRO A 331 -25.05 22.35 -4.73
C PRO A 331 -25.88 23.48 -5.32
N GLN A 332 -26.03 24.56 -4.56
CA GLN A 332 -26.64 25.80 -5.04
C GLN A 332 -25.85 26.97 -4.45
N SER A 333 -25.38 27.87 -5.31
CA SER A 333 -24.64 29.04 -4.90
C SER A 333 -25.40 30.34 -5.17
N ASP A 334 -26.72 30.33 -4.96
CA ASP A 334 -27.55 31.33 -5.62
C ASP A 334 -28.01 32.44 -4.67
N GLN A 335 -28.32 32.11 -3.42
CA GLN A 335 -29.31 32.92 -2.71
C GLN A 335 -28.77 34.23 -2.16
N GLN A 336 -27.92 34.20 -1.13
CA GLN A 336 -27.47 35.41 -0.44
C GLN A 336 -26.46 35.01 0.62
N PRO A 337 -25.65 35.96 1.07
CA PRO A 337 -25.13 35.90 2.44
C PRO A 337 -26.19 36.47 3.38
N GLN A 338 -26.25 36.02 4.62
CA GLN A 338 -27.43 36.35 5.41
C GLN A 338 -27.09 36.43 6.89
N GLU A 339 -27.75 37.36 7.57
CA GLU A 339 -27.49 37.69 8.97
C GLU A 339 -28.57 36.98 9.81
N ALA A 340 -28.63 37.23 11.12
CA ALA A 340 -29.37 36.48 12.16
C ALA A 340 -28.90 35.03 12.13
N SER A 341 -27.65 34.79 12.51
CA SER A 341 -26.74 33.76 11.96
C SER A 341 -27.28 32.34 12.12
N ILE A 342 -27.41 31.81 13.33
CA ILE A 342 -27.49 30.37 13.54
C ILE A 342 -28.83 29.98 14.13
N THR A 343 -29.53 29.06 13.45
CA THR A 343 -30.70 28.37 13.97
C THR A 343 -30.62 26.90 13.58
N PHE A 344 -31.54 26.10 14.13
CA PHE A 344 -31.98 24.81 13.58
C PHE A 344 -33.48 24.85 13.39
N GLU A 345 -33.99 23.92 12.57
CA GLU A 345 -35.42 23.85 12.32
C GLU A 345 -35.78 22.41 11.97
N GLN A 346 -36.26 21.66 12.97
CA GLN A 346 -36.91 20.36 12.81
C GLN A 346 -36.02 19.32 12.16
N VAL A 347 -34.73 19.32 12.47
CA VAL A 347 -33.79 18.37 11.89
C VAL A 347 -33.71 17.12 12.75
N SER A 348 -33.93 15.96 12.14
CA SER A 348 -33.75 14.65 12.78
C SER A 348 -32.96 13.78 11.82
N PHE A 349 -31.64 13.90 11.86
CA PHE A 349 -30.77 13.22 10.91
C PHE A 349 -30.04 12.07 11.56
N HIS A 350 -29.98 10.95 10.82
CA HIS A 350 -29.23 9.78 11.24
C HIS A 350 -27.76 9.95 10.89
N TYR A 351 -26.92 9.15 11.52
CA TYR A 351 -25.51 9.12 11.14
C TYR A 351 -25.34 8.15 9.99
N PRO A 352 -24.79 8.58 8.84
CA PRO A 352 -24.78 7.72 7.65
C PRO A 352 -23.75 6.61 7.76
N GLN A 353 -24.01 5.52 7.03
CA GLN A 353 -23.16 4.34 6.81
C GLN A 353 -22.71 3.63 8.11
N ALA A 354 -23.29 3.97 9.26
CA ALA A 354 -23.03 3.22 10.48
C ALA A 354 -24.30 2.87 11.25
N ARG A 355 -25.30 3.76 11.24
CA ARG A 355 -26.50 3.56 12.04
C ARG A 355 -27.70 3.91 11.18
N THR A 356 -28.67 2.99 11.09
CA THR A 356 -29.90 3.20 10.33
C THR A 356 -31.00 3.82 11.19
N GLY A 357 -30.64 4.42 12.32
CA GLY A 357 -31.63 4.98 13.23
C GLY A 357 -31.86 6.46 13.03
N ALA A 358 -31.65 7.25 14.09
CA ALA A 358 -31.84 8.70 14.04
C ALA A 358 -30.88 9.31 15.06
N ALA A 359 -29.74 9.80 14.57
CA ALA A 359 -28.73 10.42 15.41
C ALA A 359 -29.12 11.82 15.86
N LEU A 360 -30.21 12.38 15.34
CA LEU A 360 -30.86 13.53 15.95
C LEU A 360 -32.36 13.28 15.94
N GLN A 361 -33.08 13.99 16.81
CA GLN A 361 -34.54 13.84 16.91
C GLN A 361 -35.17 15.24 17.05
N GLU A 362 -35.48 15.84 15.90
CA GLU A 362 -36.26 17.08 15.79
C GLU A 362 -35.63 18.24 16.56
N VAL A 363 -34.33 18.46 16.33
CA VAL A 363 -33.62 19.50 17.06
C VAL A 363 -34.01 20.85 16.51
N SER A 364 -34.57 21.71 17.37
CA SER A 364 -35.14 22.98 16.95
C SER A 364 -34.77 24.06 17.96
N PHE A 365 -33.92 24.99 17.55
CA PHE A 365 -33.58 26.11 18.42
C PHE A 365 -33.14 27.29 17.58
N HIS A 366 -33.52 28.49 18.02
CA HIS A 366 -32.98 29.75 17.52
C HIS A 366 -31.80 30.15 18.40
N VAL A 367 -30.79 30.74 17.78
CA VAL A 367 -29.69 31.38 18.50
C VAL A 367 -29.55 32.79 17.95
N PRO A 368 -29.64 33.83 18.79
CA PRO A 368 -29.29 35.17 18.33
C PRO A 368 -27.79 35.29 18.10
N ALA A 369 -27.43 36.01 17.05
CA ALA A 369 -26.03 36.12 16.64
C ALA A 369 -25.27 37.01 17.62
N GLY A 370 -24.15 36.51 18.12
CA GLY A 370 -23.33 37.21 19.09
C GLY A 370 -23.10 36.47 20.38
N GLN A 371 -23.70 35.30 20.59
CA GLN A 371 -23.61 34.60 21.86
C GLN A 371 -22.92 33.24 21.67
N ILE A 372 -22.59 32.63 22.80
CA ILE A 372 -21.79 31.40 22.85
C ILE A 372 -22.71 30.27 23.27
N VAL A 373 -22.84 29.27 22.40
CA VAL A 373 -23.71 28.12 22.65
C VAL A 373 -22.81 26.91 22.81
N ALA A 374 -22.43 26.61 24.04
CA ALA A 374 -21.67 25.39 24.33
C ALA A 374 -22.67 24.29 24.63
N LEU A 375 -22.61 23.22 23.86
CA LEU A 375 -23.55 22.12 24.00
C LEU A 375 -22.84 20.85 24.46
N VAL A 376 -23.55 20.03 25.21
CA VAL A 376 -22.99 18.82 25.80
C VAL A 376 -24.03 17.70 25.64
N GLY A 377 -23.54 16.48 25.49
CA GLY A 377 -24.41 15.34 25.30
C GLY A 377 -23.67 14.01 25.42
N PRO A 378 -24.23 12.95 24.85
CA PRO A 378 -23.63 11.63 25.03
C PRO A 378 -22.45 11.35 24.10
N SER A 379 -21.24 11.46 24.66
CA SER A 379 -19.96 10.93 24.15
C SER A 379 -19.68 11.27 22.68
N GLY A 380 -20.23 12.37 22.17
CA GLY A 380 -20.10 12.65 20.76
C GLY A 380 -20.98 11.83 19.85
N ALA A 381 -21.86 11.00 20.39
CA ALA A 381 -22.77 10.19 19.58
C ALA A 381 -24.05 10.92 19.22
N GLY A 382 -24.46 11.91 20.01
CA GLY A 382 -25.58 12.76 19.66
C GLY A 382 -25.22 14.22 19.86
N LYS A 383 -23.92 14.50 19.99
CA LYS A 383 -23.45 15.82 20.35
C LYS A 383 -22.56 16.43 19.26
N SER A 384 -21.58 15.67 18.78
CA SER A 384 -20.66 16.18 17.76
C SER A 384 -21.23 16.09 16.36
N THR A 385 -22.28 15.29 16.17
CA THR A 385 -22.91 15.20 14.85
C THR A 385 -23.65 16.48 14.50
N VAL A 386 -24.01 17.29 15.50
CA VAL A 386 -24.54 18.62 15.22
C VAL A 386 -23.48 19.50 14.56
N ALA A 387 -22.25 19.44 15.10
CA ALA A 387 -21.15 20.18 14.49
C ALA A 387 -20.74 19.59 13.15
N ARG A 388 -20.99 18.30 12.94
CA ARG A 388 -20.78 17.73 11.60
C ARG A 388 -21.86 18.21 10.63
N LEU A 389 -23.08 18.36 11.11
CA LEU A 389 -24.21 18.72 10.27
C LEU A 389 -24.29 20.21 10.01
N LEU A 390 -23.55 21.02 10.77
CA LEU A 390 -23.58 22.47 10.54
C LEU A 390 -22.82 22.86 9.26
N LEU A 391 -21.74 22.16 8.96
CA LEU A 391 -20.88 22.49 7.83
C LEU A 391 -21.41 21.97 6.50
N ARG A 392 -22.59 21.35 6.52
CA ARG A 392 -23.08 20.45 5.49
C ARG A 392 -22.00 19.43 5.10
N TYR A 393 -21.65 18.60 6.08
CA TYR A 393 -20.96 17.36 5.74
C TYR A 393 -21.96 16.35 5.20
N ALA A 394 -23.22 16.51 5.56
CA ALA A 394 -24.31 15.76 4.97
C ALA A 394 -25.57 16.62 5.06
N ASP A 395 -26.66 16.09 4.55
CA ASP A 395 -27.93 16.79 4.60
C ASP A 395 -28.96 15.98 5.38
N PRO A 396 -29.86 16.64 6.10
CA PRO A 396 -30.85 15.92 6.90
C PRO A 396 -31.89 15.23 6.04
N ASP A 397 -32.25 14.01 6.45
CA ASP A 397 -33.31 13.28 5.77
C ASP A 397 -34.68 13.92 6.04
N LYS A 398 -34.82 14.59 7.18
CA LYS A 398 -36.04 15.34 7.50
C LYS A 398 -35.62 16.59 8.28
N GLY A 399 -35.65 17.74 7.63
CA GLY A 399 -35.30 18.97 8.31
C GLY A 399 -34.67 20.02 7.42
N HIS A 400 -34.59 21.25 7.95
CA HIS A 400 -34.00 22.37 7.25
C HIS A 400 -33.14 23.13 8.25
N ILE A 401 -31.98 23.61 7.80
CA ILE A 401 -30.99 24.22 8.69
C ILE A 401 -30.91 25.69 8.30
N ARG A 402 -31.78 26.52 8.85
CA ARG A 402 -31.85 27.91 8.43
C ARG A 402 -30.74 28.70 9.09
N ILE A 403 -29.55 28.59 8.50
CA ILE A 403 -28.43 29.44 8.91
C ILE A 403 -28.70 30.83 8.36
N GLY A 404 -29.20 31.71 9.22
CA GLY A 404 -29.72 32.98 8.74
C GLY A 404 -31.16 32.84 8.31
N GLY A 405 -31.51 33.44 7.18
CA GLY A 405 -32.88 33.32 6.69
C GLY A 405 -33.13 31.99 6.00
N VAL A 406 -32.40 31.73 4.92
CA VAL A 406 -32.66 30.57 4.08
C VAL A 406 -31.68 29.46 4.47
N ASP A 407 -32.12 28.21 4.27
CA ASP A 407 -31.40 27.06 4.78
C ASP A 407 -30.21 26.71 3.90
N LEU A 408 -29.65 25.52 4.12
CA LEU A 408 -28.45 25.11 3.41
C LEU A 408 -28.75 24.39 2.10
N ARG A 409 -30.01 24.34 1.67
CA ARG A 409 -30.29 23.91 0.30
C ARG A 409 -29.97 25.02 -0.69
N ASP A 410 -30.06 26.27 -0.26
CA ASP A 410 -29.67 27.45 -1.02
C ASP A 410 -28.43 28.08 -0.45
N MET A 411 -27.46 27.25 -0.07
CA MET A 411 -26.41 27.55 0.91
C MET A 411 -25.46 28.66 0.51
N GLN A 412 -25.32 28.97 -0.79
CA GLN A 412 -24.32 29.88 -1.34
C GLN A 412 -22.91 29.44 -0.92
N THR A 413 -22.49 28.31 -1.50
CA THR A 413 -21.35 27.50 -1.11
C THR A 413 -20.02 28.22 -0.93
N ASP A 414 -19.87 29.41 -1.50
CA ASP A 414 -18.73 30.24 -1.16
C ASP A 414 -18.87 30.89 0.22
N THR A 415 -20.09 31.26 0.61
CA THR A 415 -20.29 31.92 1.88
C THR A 415 -20.15 30.97 3.06
N LEU A 416 -20.39 29.68 2.85
CA LEU A 416 -20.08 28.68 3.87
C LEU A 416 -18.59 28.63 4.15
N MET A 417 -17.77 28.90 3.14
CA MET A 417 -16.35 29.10 3.40
C MET A 417 -16.10 30.46 4.03
N LYS A 418 -16.90 31.46 3.66
CA LYS A 418 -16.70 32.81 4.18
C LYS A 418 -17.19 32.95 5.62
N GLN A 419 -18.43 32.57 5.91
CA GLN A 419 -19.03 32.87 7.20
C GLN A 419 -18.61 31.94 8.31
N LEU A 420 -18.41 30.66 8.00
CA LEU A 420 -18.18 29.64 9.02
C LEU A 420 -16.69 29.37 9.13
N SER A 421 -16.16 29.47 10.34
CA SER A 421 -14.76 29.19 10.62
C SER A 421 -14.70 27.98 11.54
N PHE A 422 -14.55 26.80 10.95
CA PHE A 422 -14.43 25.59 11.76
C PHE A 422 -13.07 25.53 12.44
N VAL A 423 -13.07 24.99 13.66
CA VAL A 423 -11.86 24.55 14.35
C VAL A 423 -12.20 23.21 14.98
N PHE A 424 -11.48 22.17 14.61
CA PHE A 424 -11.84 20.83 15.03
C PHE A 424 -10.81 20.31 16.01
N GLN A 425 -10.99 19.06 16.45
CA GLN A 425 -10.18 18.50 17.50
C GLN A 425 -8.81 18.06 17.03
N ASP A 426 -8.62 17.85 15.72
CA ASP A 426 -7.34 17.41 15.18
C ASP A 426 -6.69 18.47 14.28
N ASN A 427 -7.40 18.95 13.26
CA ASN A 427 -6.97 20.03 12.37
C ASN A 427 -5.63 19.74 11.68
N PHE A 428 -5.71 18.78 10.74
CA PHE A 428 -4.63 18.42 9.84
C PHE A 428 -3.99 19.64 9.19
N LEU A 429 -2.66 19.65 9.15
CA LEU A 429 -1.91 20.76 8.57
C LEU A 429 -1.10 20.31 7.37
N PHE A 430 -0.72 21.29 6.55
CA PHE A 430 0.17 21.08 5.41
C PHE A 430 1.60 21.45 5.83
N ALA A 431 2.53 21.43 4.88
CA ALA A 431 3.95 21.45 5.20
C ALA A 431 4.59 22.82 4.98
N ASP A 432 3.81 23.87 5.20
CA ASP A 432 4.27 25.22 4.93
C ASP A 432 3.91 26.22 6.02
N THR A 433 4.24 25.92 7.28
CA THR A 433 3.59 26.31 8.56
C THR A 433 3.07 27.75 8.59
N ILE A 434 3.76 28.72 7.98
CA ILE A 434 3.18 30.07 7.90
C ILE A 434 1.94 30.06 7.00
N ALA A 435 1.96 29.26 5.94
CA ALA A 435 0.80 29.15 5.09
C ALA A 435 -0.21 28.15 5.66
N ASN A 436 0.18 27.44 6.72
CA ASN A 436 -0.81 26.63 7.43
C ASN A 436 -1.78 27.51 8.20
N ASN A 437 -1.39 28.75 8.50
CA ASN A 437 -2.34 29.69 9.06
C ASN A 437 -2.74 30.74 8.04
N ILE A 438 -2.04 30.80 6.89
CA ILE A 438 -2.47 31.72 5.84
C ILE A 438 -3.50 31.07 4.92
N ARG A 439 -3.26 29.83 4.47
CA ARG A 439 -4.02 29.27 3.35
C ARG A 439 -5.38 28.71 3.75
N LEU A 440 -5.97 29.17 4.87
CA LEU A 440 -7.38 28.86 5.07
C LEU A 440 -8.26 29.78 4.23
N GLY A 441 -8.25 31.08 4.52
CA GLY A 441 -9.24 31.95 3.93
C GLY A 441 -8.74 33.01 2.98
N ALA A 442 -7.45 33.33 3.06
CA ALA A 442 -6.91 34.39 2.21
C ALA A 442 -5.48 34.07 1.82
N PRO A 443 -5.25 33.45 0.66
CA PRO A 443 -3.87 33.24 0.22
C PRO A 443 -3.21 34.52 -0.26
N ASP A 444 -2.34 35.08 0.60
CA ASP A 444 -1.52 36.24 0.27
C ASP A 444 -0.40 36.30 1.29
N THR A 445 0.27 37.45 1.34
CA THR A 445 1.34 37.68 2.31
C THR A 445 1.14 39.00 3.06
N PRO A 446 0.15 39.11 3.96
CA PRO A 446 0.12 40.27 4.86
C PRO A 446 0.83 39.94 6.15
N LEU A 447 2.17 39.82 6.09
CA LEU A 447 2.90 39.09 7.12
C LEU A 447 2.91 39.83 8.45
N GLU A 448 2.80 41.17 8.42
CA GLU A 448 2.65 41.91 9.67
C GLU A 448 1.33 41.59 10.33
N ALA A 449 0.25 41.51 9.55
CA ALA A 449 -1.04 41.12 10.08
C ALA A 449 -1.07 39.65 10.47
N VAL A 450 -0.30 38.81 9.76
CA VAL A 450 -0.25 37.39 10.09
C VAL A 450 0.44 37.16 11.43
N ILE A 451 1.59 37.81 11.65
CA ILE A 451 2.25 37.65 12.94
C ILE A 451 1.50 38.42 14.03
N ALA A 452 0.70 39.42 13.68
CA ALA A 452 -0.15 40.05 14.68
C ALA A 452 -1.29 39.11 15.11
N ALA A 453 -1.85 38.36 14.16
CA ALA A 453 -2.89 37.39 14.49
C ALA A 453 -2.32 36.21 15.26
N ALA A 454 -1.06 35.83 14.99
CA ALA A 454 -0.41 34.83 15.82
C ALA A 454 -0.01 35.39 17.17
N ARG A 455 0.19 36.71 17.25
CA ARG A 455 0.53 37.37 18.50
C ARG A 455 -0.66 37.41 19.45
N VAL A 456 -1.83 37.80 18.94
CA VAL A 456 -3.01 37.91 19.79
C VAL A 456 -3.57 36.54 20.16
N ALA A 457 -3.28 35.52 19.36
CA ALA A 457 -3.73 34.17 19.69
C ALA A 457 -2.71 33.39 20.52
N GLN A 458 -1.58 34.02 20.87
CA GLN A 458 -0.57 33.48 21.79
C GLN A 458 0.02 32.15 21.30
N ALA A 459 0.11 31.99 19.99
CA ALA A 459 0.86 30.91 19.39
C ALA A 459 2.10 31.41 18.67
N HIS A 460 2.46 32.68 18.85
CA HIS A 460 3.61 33.25 18.19
C HIS A 460 4.93 32.75 18.78
N ASP A 461 4.93 32.29 20.03
CA ASP A 461 6.18 31.97 20.71
C ASP A 461 6.78 30.66 20.21
N PHE A 462 5.97 29.60 20.13
CA PHE A 462 6.51 28.30 19.75
C PHE A 462 6.82 28.25 18.26
N ILE A 463 6.12 29.06 17.46
CA ILE A 463 6.46 29.17 16.05
C ILE A 463 7.65 30.13 15.86
N SER A 464 7.89 31.02 16.82
CA SER A 464 9.11 31.81 16.79
C SER A 464 10.31 30.98 17.17
N ALA A 465 10.10 29.94 17.99
CA ALA A 465 11.18 29.07 18.43
C ALA A 465 11.56 28.00 17.42
N LEU A 466 10.73 27.75 16.39
CA LEU A 466 11.02 26.67 15.45
C LEU A 466 12.15 27.08 14.50
N PRO A 467 12.97 26.10 14.03
CA PRO A 467 14.20 26.44 13.30
C PRO A 467 14.02 27.15 11.96
N GLU A 468 13.15 26.67 11.08
CA GLU A 468 13.00 27.27 9.75
C GLU A 468 12.07 28.47 9.75
N GLY A 469 12.26 29.39 10.70
CA GLY A 469 11.49 30.61 10.78
C GLY A 469 10.02 30.35 11.05
N TYR A 470 9.17 31.18 10.46
CA TYR A 470 7.73 30.95 10.51
C TYR A 470 7.28 30.00 9.41
N ASN A 471 8.09 29.85 8.37
CA ASN A 471 7.80 28.99 7.21
C ASN A 471 8.42 27.61 7.34
N THR A 472 8.21 26.97 8.48
CA THR A 472 8.86 25.71 8.82
C THR A 472 8.22 24.55 8.05
N ARG A 473 9.03 23.85 7.27
CA ARG A 473 8.60 22.62 6.62
C ARG A 473 8.36 21.56 7.69
N VAL A 474 7.09 21.36 8.06
CA VAL A 474 6.76 20.43 9.13
C VAL A 474 6.57 19.03 8.54
N GLY A 475 5.97 18.94 7.37
CA GLY A 475 5.76 17.67 6.70
C GLY A 475 4.87 16.71 7.45
N GLU A 476 5.30 15.45 7.53
CA GLU A 476 4.63 14.42 8.33
C GLU A 476 5.56 13.80 9.37
N ARG A 477 6.86 14.04 9.27
CA ARG A 477 7.85 13.56 10.23
C ARG A 477 8.21 14.59 11.29
N GLY A 478 7.84 15.85 11.07
CA GLY A 478 8.14 16.90 12.03
C GLY A 478 7.22 16.89 13.23
N VAL A 479 7.45 15.94 14.15
CA VAL A 479 6.60 15.82 15.33
C VAL A 479 6.88 16.97 16.30
N PHE A 480 8.14 17.38 16.40
CA PHE A 480 8.48 18.54 17.23
C PHE A 480 7.98 19.84 16.60
N LEU A 481 7.91 19.91 15.27
CA LEU A 481 7.46 21.14 14.63
C LEU A 481 5.95 21.31 14.72
N SER A 482 5.19 20.21 14.64
CA SER A 482 3.76 20.32 14.86
C SER A 482 3.44 20.40 16.35
N GLY A 483 3.70 19.32 17.08
CA GLY A 483 3.43 19.30 18.50
C GLY A 483 1.95 19.24 18.82
N GLY A 484 1.62 19.60 20.06
CA GLY A 484 0.25 19.70 20.49
C GLY A 484 -0.39 21.05 20.27
N GLN A 485 0.27 21.92 19.52
CA GLN A 485 -0.21 23.27 19.29
C GLN A 485 -0.82 23.46 17.90
N ARG A 486 -1.28 22.38 17.27
CA ARG A 486 -1.99 22.50 16.01
C ARG A 486 -3.33 23.20 16.21
N GLN A 487 -3.94 23.02 17.39
CA GLN A 487 -5.10 23.81 17.76
C GLN A 487 -4.77 25.29 17.86
N ARG A 488 -3.60 25.62 18.41
CA ARG A 488 -3.21 27.02 18.52
C ARG A 488 -2.88 27.62 17.15
N ILE A 489 -2.36 26.80 16.25
CA ILE A 489 -2.12 27.26 14.88
C ILE A 489 -3.43 27.53 14.17
N THR A 490 -4.36 26.57 14.19
CA THR A 490 -5.60 26.75 13.44
C THR A 490 -6.54 27.77 14.08
N ILE A 491 -6.45 27.97 15.40
CA ILE A 491 -7.24 29.02 16.03
C ILE A 491 -6.66 30.39 15.68
N ALA A 492 -5.34 30.49 15.57
CA ALA A 492 -4.72 31.71 15.06
C ALA A 492 -5.11 31.98 13.61
N ARG A 493 -5.27 30.90 12.83
CA ARG A 493 -5.76 31.04 11.47
C ARG A 493 -7.21 31.50 11.45
N ALA A 494 -8.00 31.05 12.44
CA ALA A 494 -9.37 31.54 12.57
C ALA A 494 -9.41 32.99 13.02
N LEU A 495 -8.39 33.45 13.72
CA LEU A 495 -8.29 34.87 14.09
C LEU A 495 -7.74 35.71 12.95
N LEU A 496 -7.09 35.08 11.96
CA LEU A 496 -6.61 35.80 10.79
C LEU A 496 -7.77 36.41 10.00
N GLN A 497 -8.63 35.56 9.44
CA GLN A 497 -9.83 36.05 8.79
C GLN A 497 -10.87 36.37 9.86
N ASP A 498 -11.93 37.08 9.47
CA ASP A 498 -12.99 37.40 10.42
C ASP A 498 -13.94 36.22 10.61
N ARG A 499 -14.69 35.84 9.55
CA ARG A 499 -15.49 34.62 9.45
C ARG A 499 -16.43 34.41 10.64
N PRO A 500 -17.57 35.15 10.71
CA PRO A 500 -18.30 35.39 11.97
C PRO A 500 -18.69 34.18 12.81
N ILE A 501 -19.26 33.15 12.20
CA ILE A 501 -19.54 31.91 12.90
C ILE A 501 -18.25 31.15 13.10
N LEU A 502 -17.88 30.95 14.35
CA LEU A 502 -16.77 30.07 14.69
C LEU A 502 -17.37 28.76 15.19
N VAL A 503 -16.73 27.65 14.86
CA VAL A 503 -17.23 26.33 15.22
C VAL A 503 -16.10 25.55 15.88
N LEU A 504 -16.31 25.14 17.13
CA LEU A 504 -15.37 24.30 17.86
C LEU A 504 -15.97 22.92 18.01
N ASP A 505 -15.38 21.93 17.34
CA ASP A 505 -15.91 20.56 17.45
C ASP A 505 -15.52 19.95 18.79
N GLU A 506 -14.26 20.11 19.18
CA GLU A 506 -13.80 19.75 20.51
C GLU A 506 -12.50 20.50 20.78
N ALA A 507 -12.56 21.50 21.65
CA ALA A 507 -11.37 22.11 22.20
C ALA A 507 -11.00 21.33 23.44
N THR A 508 -9.81 21.60 23.98
CA THR A 508 -9.24 21.06 25.25
C THR A 508 -9.28 19.53 25.35
N ALA A 509 -9.44 18.85 24.21
CA ALA A 509 -9.23 17.42 24.16
C ALA A 509 -7.74 17.11 24.18
N PHE A 510 -6.93 18.08 23.77
CA PHE A 510 -5.50 18.00 24.00
C PHE A 510 -5.21 18.33 25.45
N ALA A 511 -4.89 17.30 26.23
CA ALA A 511 -4.81 17.42 27.68
C ALA A 511 -3.41 17.73 28.18
N ASP A 512 -2.61 18.44 27.40
CA ASP A 512 -1.28 18.83 27.85
C ASP A 512 -1.42 19.98 28.86
N PRO A 513 -0.46 20.15 29.79
CA PRO A 513 -0.61 21.24 30.78
C PRO A 513 -0.46 22.62 30.16
N GLU A 514 0.42 22.78 29.19
CA GLU A 514 0.48 24.03 28.45
C GLU A 514 -0.77 24.21 27.59
N ASN A 515 -1.31 23.11 27.07
CA ASN A 515 -2.57 23.15 26.35
C ASN A 515 -3.77 23.17 27.31
N GLU A 516 -3.53 22.92 28.59
CA GLU A 516 -4.53 23.29 29.59
C GLU A 516 -4.52 24.80 29.81
N ALA A 517 -3.33 25.41 29.82
CA ALA A 517 -3.24 26.82 30.14
C ALA A 517 -3.47 27.70 28.91
N ALA A 518 -2.69 27.50 27.85
CA ALA A 518 -2.65 28.44 26.75
C ALA A 518 -3.88 28.36 25.85
N LEU A 519 -4.64 27.27 25.88
CA LEU A 519 -5.84 27.17 25.04
C LEU A 519 -6.95 28.06 25.57
N ILE A 520 -7.01 28.28 26.88
CA ILE A 520 -8.12 29.04 27.46
C ILE A 520 -7.99 30.52 27.12
N LYS A 521 -6.78 31.07 27.20
CA LYS A 521 -6.60 32.47 26.83
C LYS A 521 -6.68 32.65 25.33
N ALA A 522 -6.26 31.64 24.56
CA ALA A 522 -6.40 31.71 23.10
C ALA A 522 -7.87 31.68 22.69
N LEU A 523 -8.70 30.92 23.40
CA LEU A 523 -10.11 30.90 23.10
C LEU A 523 -10.81 32.15 23.58
N ALA A 524 -10.35 32.71 24.71
CA ALA A 524 -10.85 34.00 25.16
C ALA A 524 -10.47 35.11 24.19
N ALA A 525 -9.35 34.95 23.48
CA ALA A 525 -9.02 35.82 22.36
C ALA A 525 -9.71 35.39 21.07
N ALA A 526 -10.50 34.32 21.09
CA ALA A 526 -11.16 33.84 19.88
C ALA A 526 -12.66 34.10 19.87
N MET A 527 -13.28 34.24 21.04
CA MET A 527 -14.71 34.45 21.14
C MET A 527 -15.10 35.93 21.12
N ARG A 528 -14.29 36.76 20.48
CA ARG A 528 -14.55 38.20 20.44
C ARG A 528 -15.34 38.53 19.18
N GLY A 529 -16.61 38.87 19.36
CA GLY A 529 -17.45 39.24 18.23
C GLY A 529 -17.92 38.09 17.38
N ARG A 530 -17.88 36.87 17.88
CA ARG A 530 -18.27 35.69 17.12
C ARG A 530 -19.42 34.99 17.81
N THR A 531 -20.27 34.33 17.01
CA THR A 531 -21.36 33.53 17.53
C THR A 531 -20.94 32.06 17.51
N VAL A 532 -20.11 31.70 18.47
CA VAL A 532 -19.43 30.41 18.41
C VAL A 532 -20.38 29.30 18.87
N ILE A 533 -20.00 28.07 18.54
CA ILE A 533 -20.59 26.88 19.11
C ILE A 533 -19.43 26.06 19.64
N MET A 534 -19.18 26.15 20.93
CA MET A 534 -18.05 25.47 21.56
C MET A 534 -18.55 24.12 22.05
N VAL A 535 -18.54 23.13 21.17
CA VAL A 535 -18.86 21.77 21.56
C VAL A 535 -17.65 21.28 22.35
N ALA A 536 -17.73 21.37 23.66
CA ALA A 536 -16.62 20.97 24.50
C ALA A 536 -16.98 19.69 25.25
N HIS A 537 -15.98 18.85 25.48
CA HIS A 537 -16.25 17.59 26.15
C HIS A 537 -16.25 17.77 27.67
N ARG A 538 -15.40 18.64 28.19
CA ARG A 538 -15.47 18.96 29.61
C ARG A 538 -16.49 20.07 29.84
N LEU A 539 -16.78 20.31 31.11
CA LEU A 539 -17.69 21.39 31.50
C LEU A 539 -16.91 22.62 31.97
N SER A 540 -15.76 22.87 31.32
CA SER A 540 -14.90 23.97 31.75
C SER A 540 -15.47 25.31 31.31
N MET A 541 -15.59 25.52 30.00
CA MET A 541 -16.15 26.77 29.49
C MET A 541 -17.65 26.67 29.30
N VAL A 542 -18.28 25.60 29.78
CA VAL A 542 -19.74 25.52 29.82
C VAL A 542 -20.29 26.56 30.79
N THR A 543 -19.57 26.81 31.89
CA THR A 543 -20.00 27.77 32.90
C THR A 543 -19.99 29.20 32.38
N GLN A 544 -19.16 29.50 31.38
CA GLN A 544 -19.04 30.85 30.84
C GLN A 544 -19.73 30.99 29.49
N ALA A 545 -20.75 30.19 29.23
CA ALA A 545 -21.44 30.19 27.95
C ALA A 545 -22.91 30.57 28.14
N ASP A 546 -23.52 31.04 27.06
CA ASP A 546 -24.84 31.63 27.16
C ASP A 546 -25.95 30.58 27.22
N VAL A 547 -25.98 29.66 26.26
CA VAL A 547 -26.99 28.61 26.21
C VAL A 547 -26.28 27.27 26.29
N ILE A 548 -26.77 26.39 27.15
CA ILE A 548 -26.17 25.07 27.35
C ILE A 548 -27.20 24.02 26.94
N LEU A 549 -26.98 23.40 25.80
CA LEU A 549 -27.86 22.37 25.29
C LEU A 549 -27.47 21.03 25.91
N LEU A 550 -28.45 20.27 26.36
CA LEU A 550 -28.26 18.89 26.72
C LEU A 550 -28.75 17.99 25.59
N PHE A 551 -27.98 16.95 25.32
CA PHE A 551 -28.36 15.94 24.35
C PHE A 551 -28.36 14.58 25.03
N SER A 552 -29.22 13.68 24.53
CA SER A 552 -29.28 12.30 25.02
C SER A 552 -29.83 11.44 23.88
N ASP A 553 -28.93 10.73 23.20
CA ASP A 553 -29.22 9.79 22.12
C ASP A 553 -29.98 10.47 20.98
N GLY A 554 -29.46 11.62 20.57
CA GLY A 554 -30.03 12.37 19.48
C GLY A 554 -31.11 13.35 19.86
N GLN A 555 -31.75 13.18 21.00
CA GLN A 555 -32.81 14.08 21.43
C GLN A 555 -32.19 15.18 22.28
N LEU A 556 -32.49 16.43 21.94
CA LEU A 556 -32.12 17.52 22.83
C LEU A 556 -33.03 17.50 24.05
N ARG A 557 -32.45 17.76 25.22
CA ARG A 557 -33.18 17.61 26.46
C ARG A 557 -33.59 18.94 27.07
N GLU A 558 -32.64 19.83 27.33
CA GLU A 558 -32.98 21.11 27.95
C GLU A 558 -32.31 22.24 27.17
N MET A 559 -32.92 23.41 27.27
CA MET A 559 -32.35 24.67 26.81
C MET A 559 -32.17 25.60 28.00
N GLY A 560 -31.35 26.63 27.82
CA GLY A 560 -31.14 27.63 28.83
C GLY A 560 -29.71 27.68 29.30
N ASN A 561 -29.44 28.64 30.18
CA ASN A 561 -28.10 28.93 30.66
C ASN A 561 -27.59 27.85 31.60
N HIS A 562 -26.32 27.98 31.97
CA HIS A 562 -25.68 27.00 32.87
C HIS A 562 -26.28 27.07 34.27
N THR A 563 -26.44 28.29 34.80
CA THR A 563 -26.98 28.42 36.15
C THR A 563 -28.48 28.16 36.18
N GLN A 564 -29.18 28.34 35.06
CA GLN A 564 -30.60 28.01 35.02
C GLN A 564 -30.81 26.50 35.01
N LEU A 565 -29.99 25.78 34.24
CA LEU A 565 -30.05 24.33 34.24
C LEU A 565 -29.57 23.75 35.57
N LEU A 566 -28.64 24.44 36.23
CA LEU A 566 -28.23 23.99 37.56
C LEU A 566 -29.31 24.29 38.60
N ALA A 567 -30.05 25.38 38.43
CA ALA A 567 -31.06 25.76 39.42
C ALA A 567 -32.32 24.93 39.28
N GLN A 568 -32.67 24.52 38.06
CA GLN A 568 -33.84 23.67 37.90
C GLN A 568 -33.58 22.25 38.39
N GLY A 569 -32.31 21.83 38.45
CA GLY A 569 -31.96 20.58 39.08
C GLY A 569 -32.36 19.34 38.32
N GLY A 570 -32.39 19.39 36.99
CA GLY A 570 -32.78 18.24 36.19
C GLY A 570 -31.64 17.27 36.00
N LEU A 571 -31.49 16.77 34.77
CA LEU A 571 -30.42 15.83 34.49
C LEU A 571 -29.09 16.55 34.28
N TYR A 572 -29.13 17.88 34.09
CA TYR A 572 -27.89 18.64 34.09
C TYR A 572 -27.28 18.67 35.48
N GLN A 573 -28.12 18.67 36.52
CA GLN A 573 -27.62 18.52 37.87
C GLN A 573 -26.93 17.17 38.06
N ARG A 574 -27.49 16.12 37.46
CA ARG A 574 -26.87 14.80 37.52
C ARG A 574 -25.52 14.79 36.79
N LEU A 575 -25.46 15.39 35.60
CA LEU A 575 -24.21 15.40 34.84
C LEU A 575 -23.16 16.29 35.51
N TRP A 576 -23.59 17.41 36.08
CA TRP A 576 -22.65 18.28 36.78
C TRP A 576 -22.18 17.64 38.08
N GLN A 577 -23.03 16.82 38.70
CA GLN A 577 -22.60 16.09 39.89
C GLN A 577 -21.65 14.96 39.54
N HIS A 578 -21.83 14.37 38.35
CA HIS A 578 -20.85 13.41 37.85
C HIS A 578 -19.51 14.09 37.61
N TYR A 579 -19.53 15.28 37.01
CA TYR A 579 -18.30 16.02 36.74
C TYR A 579 -17.66 16.59 38.00
N GLN A 580 -18.43 16.81 39.06
CA GLN A 580 -17.83 17.33 40.29
C GLN A 580 -17.09 16.23 41.05
N GLN A 581 -17.31 14.97 40.68
CA GLN A 581 -16.54 13.88 41.28
C GLN A 581 -15.10 13.89 40.78
N ALA A 582 -14.90 14.06 39.48
CA ALA A 582 -13.56 14.10 38.91
C ALA A 582 -13.43 15.17 37.84
N TRP B 12 28.00 -14.26 -9.19
CA TRP B 12 27.27 -13.15 -8.60
C TRP B 12 26.57 -13.62 -7.34
N ARG B 13 27.14 -13.25 -6.19
CA ARG B 13 26.79 -13.91 -4.93
C ARG B 13 25.72 -13.14 -4.16
N VAL B 14 25.69 -11.82 -4.30
CA VAL B 14 24.91 -10.98 -3.38
C VAL B 14 23.42 -11.05 -3.64
N ILE B 15 22.99 -11.60 -4.77
CA ILE B 15 21.59 -11.91 -5.01
C ILE B 15 21.33 -13.41 -4.92
N TRP B 16 22.30 -14.22 -5.31
CA TRP B 16 22.08 -15.66 -5.26
C TRP B 16 22.07 -16.22 -3.85
N ARG B 17 22.94 -15.75 -2.96
CA ARG B 17 22.90 -16.24 -1.60
C ARG B 17 21.67 -15.73 -0.87
N GLN B 18 21.15 -14.57 -1.28
CA GLN B 18 19.89 -14.10 -0.73
C GLN B 18 18.73 -14.93 -1.24
N LEU B 19 18.73 -15.26 -2.53
CA LEU B 19 17.66 -16.04 -3.13
C LEU B 19 17.68 -17.48 -2.69
N ILE B 20 18.82 -17.98 -2.24
CA ILE B 20 18.87 -19.33 -1.69
C ILE B 20 18.78 -19.35 -0.17
N SER B 21 18.95 -18.20 0.50
CA SER B 21 18.67 -18.16 1.92
C SER B 21 17.21 -17.84 2.19
N SER B 22 16.59 -17.01 1.34
CA SER B 22 15.20 -16.64 1.48
C SER B 22 14.27 -17.58 0.74
N VAL B 23 14.64 -18.85 0.63
CA VAL B 23 13.73 -19.92 0.26
C VAL B 23 13.48 -20.85 1.45
N GLY B 24 14.54 -21.25 2.15
CA GLY B 24 14.39 -22.03 3.36
C GLY B 24 15.01 -23.41 3.27
N SER B 25 14.21 -24.45 3.49
CA SER B 25 14.66 -25.82 3.41
C SER B 25 14.41 -26.44 2.04
N GLN B 26 14.00 -25.62 1.06
CA GLN B 26 13.89 -26.07 -0.32
C GLN B 26 15.02 -25.54 -1.18
N ALA B 27 16.23 -25.43 -0.63
CA ALA B 27 17.36 -24.97 -1.42
C ALA B 27 17.80 -26.03 -2.40
N ARG B 28 17.74 -27.30 -2.00
CA ARG B 28 18.23 -28.35 -2.87
C ARG B 28 17.30 -28.58 -4.05
N MET B 29 15.99 -28.49 -3.83
CA MET B 29 15.08 -28.65 -4.96
C MET B 29 15.08 -27.42 -5.85
N LEU B 30 15.41 -26.25 -5.32
CA LEU B 30 15.56 -25.09 -6.20
C LEU B 30 16.82 -25.21 -7.05
N ARG B 31 17.92 -25.71 -6.48
CA ARG B 31 19.11 -25.83 -7.30
C ARG B 31 18.99 -26.98 -8.28
N ARG B 32 18.25 -28.04 -7.94
CA ARG B 32 18.00 -29.09 -8.92
C ARG B 32 17.10 -28.59 -10.03
N SER B 33 16.16 -27.68 -9.72
CA SER B 33 15.34 -27.14 -10.80
C SER B 33 16.08 -26.10 -11.64
N MET B 34 17.00 -25.34 -11.04
CA MET B 34 17.86 -24.46 -11.82
C MET B 34 18.76 -25.25 -12.77
N LEU B 35 19.32 -26.35 -12.28
CA LEU B 35 20.14 -27.20 -13.13
C LEU B 35 19.31 -27.83 -14.24
N ALA B 36 18.08 -28.24 -13.94
CA ALA B 36 17.21 -28.82 -14.96
C ALA B 36 16.85 -27.81 -16.03
N LEU B 37 16.62 -26.56 -15.64
CA LEU B 37 16.28 -25.56 -16.65
C LEU B 37 17.50 -25.08 -17.44
N LEU B 38 18.69 -25.07 -16.84
CA LEU B 38 19.90 -24.74 -17.60
C LEU B 38 20.21 -25.80 -18.63
N LEU B 39 20.12 -27.08 -18.24
CA LEU B 39 20.28 -28.15 -19.22
C LEU B 39 19.16 -28.16 -20.26
N ALA B 40 17.96 -27.72 -19.91
CA ALA B 40 16.91 -27.64 -20.90
C ALA B 40 17.19 -26.56 -21.94
N ALA B 41 17.69 -25.40 -21.51
CA ALA B 41 17.99 -24.35 -22.48
C ALA B 41 19.20 -24.70 -23.34
N PHE B 42 20.22 -25.35 -22.75
CA PHE B 42 21.37 -25.78 -23.54
C PHE B 42 20.99 -26.88 -24.54
N MET B 43 20.13 -27.81 -24.14
CA MET B 43 19.72 -28.85 -25.08
C MET B 43 18.79 -28.31 -26.15
N GLN B 44 18.10 -27.21 -25.87
CA GLN B 44 17.33 -26.57 -26.94
C GLN B 44 18.26 -25.92 -27.95
N GLY B 45 19.35 -25.30 -27.49
CA GLY B 45 20.37 -24.82 -28.41
C GLY B 45 20.98 -25.93 -29.26
N ILE B 46 21.14 -27.11 -28.67
CA ILE B 46 21.62 -28.27 -29.45
C ILE B 46 20.55 -28.77 -30.42
N ALA B 47 19.26 -28.57 -30.10
CA ALA B 47 18.22 -28.89 -31.08
C ALA B 47 18.28 -27.98 -32.30
N PHE B 48 18.63 -26.72 -32.09
CA PHE B 48 18.81 -25.83 -33.25
C PHE B 48 20.09 -26.19 -34.03
N ALA B 49 21.13 -26.62 -33.33
CA ALA B 49 22.31 -27.15 -34.00
C ALA B 49 21.98 -28.38 -34.82
N CYS B 50 21.02 -29.19 -34.38
CA CYS B 50 20.55 -30.29 -35.20
C CYS B 50 19.67 -29.81 -36.32
N LEU B 51 19.15 -28.58 -36.22
CA LEU B 51 18.42 -28.01 -37.35
C LEU B 51 19.34 -27.51 -38.45
N TYR B 52 20.64 -27.36 -38.16
CA TYR B 52 21.57 -27.08 -39.27
C TYR B 52 21.64 -28.21 -40.30
N PRO B 53 22.08 -29.45 -39.98
CA PRO B 53 22.26 -30.41 -41.07
C PRO B 53 20.97 -31.03 -41.54
N ILE B 54 19.85 -30.80 -40.85
CA ILE B 54 18.56 -31.20 -41.39
C ILE B 54 18.24 -30.37 -42.63
N ILE B 55 18.47 -29.06 -42.56
CA ILE B 55 18.27 -28.20 -43.73
C ILE B 55 19.32 -28.49 -44.80
N ASP B 56 20.57 -28.74 -44.37
CA ASP B 56 21.62 -29.14 -45.31
C ASP B 56 21.28 -30.45 -46.03
N ALA B 57 20.56 -31.34 -45.37
CA ALA B 57 20.16 -32.58 -46.01
C ALA B 57 18.91 -32.39 -46.85
N LEU B 58 17.97 -31.56 -46.38
CA LEU B 58 16.67 -31.48 -47.01
C LEU B 58 16.71 -30.54 -48.21
N LEU B 59 17.82 -29.83 -48.39
CA LEU B 59 18.02 -29.02 -49.58
C LEU B 59 18.03 -29.87 -50.85
N ARG B 60 18.55 -31.08 -50.75
CA ARG B 60 18.75 -31.94 -51.91
C ARG B 60 18.14 -33.32 -51.74
N GLY B 61 17.18 -33.48 -50.84
CA GLY B 61 16.60 -34.79 -50.60
C GLY B 61 17.20 -35.47 -49.40
N ASP B 62 18.04 -36.49 -49.65
CA ASP B 62 18.88 -37.15 -48.64
C ASP B 62 18.06 -37.73 -47.48
N ALA B 63 17.21 -38.70 -47.82
CA ALA B 63 16.43 -39.41 -46.80
C ALA B 63 17.25 -40.12 -45.71
N PRO B 64 18.46 -40.73 -45.97
CA PRO B 64 19.24 -41.24 -44.84
C PRO B 64 19.76 -40.17 -43.90
N GLN B 65 20.32 -39.09 -44.43
CA GLN B 65 20.84 -38.03 -43.57
C GLN B 65 19.71 -37.29 -42.87
N LEU B 66 18.57 -37.12 -43.54
CA LEU B 66 17.42 -36.50 -42.91
C LEU B 66 16.86 -37.40 -41.81
N LEU B 67 16.88 -38.72 -42.00
CA LEU B 67 16.39 -39.60 -40.95
C LEU B 67 17.35 -39.64 -39.77
N ASN B 68 18.66 -39.62 -40.04
CA ASN B 68 19.67 -39.56 -39.00
C ASN B 68 19.51 -38.31 -38.13
N TRP B 69 19.58 -37.13 -38.75
CA TRP B 69 19.49 -35.94 -37.94
C TRP B 69 18.07 -35.62 -37.49
N ALA B 70 17.04 -36.22 -38.09
CA ALA B 70 15.69 -36.02 -37.57
C ALA B 70 15.44 -36.88 -36.34
N MET B 71 16.04 -38.07 -36.26
CA MET B 71 15.91 -38.80 -35.01
C MET B 71 16.82 -38.22 -33.93
N ALA B 72 17.95 -37.61 -34.32
CA ALA B 72 18.72 -36.88 -33.32
C ALA B 72 18.00 -35.61 -32.85
N PHE B 73 17.24 -34.98 -33.74
CA PHE B 73 16.42 -33.85 -33.31
C PHE B 73 15.25 -34.31 -32.46
N SER B 74 14.72 -35.51 -32.69
CA SER B 74 13.70 -36.05 -31.81
C SER B 74 14.24 -36.28 -30.41
N VAL B 75 15.47 -36.77 -30.31
CA VAL B 75 16.11 -36.96 -29.01
C VAL B 75 16.33 -35.62 -28.32
N ALA B 76 16.80 -34.61 -29.06
CA ALA B 76 17.08 -33.31 -28.46
C ALA B 76 15.80 -32.58 -28.05
N ALA B 77 14.73 -32.69 -28.84
CA ALA B 77 13.48 -32.04 -28.49
C ALA B 77 12.79 -32.72 -27.33
N ILE B 78 12.87 -34.06 -27.24
CA ILE B 78 12.23 -34.75 -26.13
C ILE B 78 12.99 -34.53 -24.83
N VAL B 79 14.32 -34.49 -24.88
CA VAL B 79 15.09 -34.19 -23.69
C VAL B 79 14.86 -32.75 -23.23
N THR B 80 14.76 -31.81 -24.17
CA THR B 80 14.50 -30.41 -23.80
C THR B 80 13.13 -30.22 -23.18
N LEU B 81 12.09 -30.82 -23.77
CA LEU B 81 10.76 -30.65 -23.20
C LEU B 81 10.58 -31.39 -21.87
N VAL B 82 11.17 -32.58 -21.71
CA VAL B 82 11.07 -33.27 -20.45
C VAL B 82 11.87 -32.55 -19.36
N LEU B 83 13.00 -31.95 -19.70
CA LEU B 83 13.74 -31.23 -18.67
C LEU B 83 13.11 -29.88 -18.36
N ARG B 84 12.39 -29.27 -19.30
CA ARG B 84 11.66 -28.06 -18.96
C ARG B 84 10.44 -28.37 -18.12
N TRP B 85 9.79 -29.52 -18.37
CA TRP B 85 8.72 -29.98 -17.50
C TRP B 85 9.23 -30.26 -16.09
N TYR B 86 10.39 -30.88 -15.97
CA TYR B 86 10.92 -31.13 -14.64
C TYR B 86 11.44 -29.85 -14.00
N GLY B 87 11.79 -28.84 -14.80
CA GLY B 87 12.19 -27.57 -14.22
C GLY B 87 11.03 -26.79 -13.65
N LEU B 88 9.91 -26.75 -14.35
CA LEU B 88 8.72 -26.11 -13.79
C LEU B 88 7.99 -27.00 -12.79
N GLY B 89 8.45 -28.24 -12.62
CA GLY B 89 7.94 -29.05 -11.52
C GLY B 89 8.23 -28.47 -10.15
N PHE B 90 9.26 -27.63 -10.03
CA PHE B 90 9.55 -26.97 -8.77
C PHE B 90 8.41 -26.05 -8.35
N GLU B 91 7.83 -25.36 -9.30
CA GLU B 91 6.73 -24.48 -8.95
C GLU B 91 5.43 -25.24 -8.86
N TYR B 92 5.22 -26.23 -9.75
CA TYR B 92 3.90 -26.86 -9.76
C TYR B 92 3.86 -28.18 -9.00
N ARG B 93 4.88 -28.46 -8.22
CA ARG B 93 4.68 -29.25 -7.02
C ARG B 93 4.55 -28.29 -5.84
N GLY B 94 4.61 -28.82 -4.62
CA GLY B 94 4.39 -27.95 -3.48
C GLY B 94 5.64 -27.28 -2.95
N HIS B 95 6.73 -27.26 -3.73
CA HIS B 95 7.99 -26.80 -3.19
C HIS B 95 8.00 -25.29 -3.00
N LEU B 96 7.29 -24.56 -3.85
CA LEU B 96 7.21 -23.13 -3.64
C LEU B 96 6.25 -22.79 -2.51
N ALA B 97 5.19 -23.58 -2.35
CA ALA B 97 4.28 -23.40 -1.23
C ALA B 97 5.01 -23.59 0.10
N GLN B 98 5.77 -24.66 0.24
CA GLN B 98 6.53 -24.86 1.48
C GLN B 98 7.67 -23.86 1.61
N ALA B 99 8.19 -23.32 0.50
CA ALA B 99 9.25 -22.33 0.59
C ALA B 99 8.73 -21.01 1.15
N THR B 100 7.65 -20.47 0.58
CA THR B 100 7.12 -19.22 1.11
C THR B 100 6.45 -19.40 2.46
N HIS B 101 5.95 -20.60 2.76
CA HIS B 101 5.40 -20.88 4.08
C HIS B 101 6.48 -20.83 5.15
N GLU B 102 7.61 -21.50 4.91
CA GLU B 102 8.70 -21.43 5.87
C GLU B 102 9.29 -20.03 5.94
N LEU B 103 9.22 -19.27 4.85
CA LEU B 103 9.71 -17.89 4.94
C LEU B 103 8.76 -17.01 5.76
N ARG B 104 7.45 -17.22 5.66
CA ARG B 104 6.55 -16.42 6.46
C ARG B 104 6.57 -16.84 7.92
N LEU B 105 6.79 -18.12 8.21
CA LEU B 105 6.94 -18.53 9.60
C LEU B 105 8.35 -18.32 10.13
N ARG B 106 9.28 -17.85 9.30
CA ARG B 106 10.48 -17.27 9.85
C ARG B 106 10.28 -15.78 10.13
N LEU B 107 9.55 -15.10 9.25
CA LEU B 107 9.30 -13.67 9.47
C LEU B 107 8.34 -13.39 10.61
N GLY B 108 7.44 -14.32 10.92
CA GLY B 108 6.59 -14.13 12.10
C GLY B 108 7.38 -14.17 13.39
N GLU B 109 8.30 -15.11 13.51
CA GLU B 109 9.13 -15.15 14.70
C GLU B 109 10.14 -14.01 14.72
N GLN B 110 10.52 -13.49 13.55
CA GLN B 110 11.31 -12.27 13.52
C GLN B 110 10.50 -11.06 13.98
N LEU B 111 9.20 -11.01 13.66
CA LEU B 111 8.31 -10.02 14.28
C LEU B 111 8.21 -10.23 15.78
N ARG B 112 8.35 -11.46 16.25
CA ARG B 112 8.25 -11.68 17.69
C ARG B 112 9.48 -11.16 18.42
N ARG B 113 10.69 -11.40 17.91
CA ARG B 113 11.84 -10.98 18.70
C ARG B 113 12.55 -9.71 18.21
N VAL B 114 11.92 -8.91 17.37
CA VAL B 114 12.47 -7.60 16.99
C VAL B 114 12.33 -6.68 18.19
N PRO B 115 13.30 -5.82 18.48
CA PRO B 115 13.10 -4.80 19.51
C PRO B 115 11.98 -3.85 19.13
N LEU B 116 11.08 -3.60 20.09
CA LEU B 116 9.76 -3.10 19.76
C LEU B 116 9.78 -1.64 19.32
N GLU B 117 10.89 -0.94 19.55
CA GLU B 117 10.95 0.44 19.10
C GLU B 117 11.21 0.51 17.61
N LYS B 118 11.71 -0.57 17.01
CA LYS B 118 12.00 -0.54 15.58
C LYS B 118 10.73 -0.61 14.75
N LEU B 119 9.71 -1.28 15.26
CA LEU B 119 8.43 -1.28 14.55
C LEU B 119 7.48 -0.24 15.14
N GLN B 120 7.69 0.13 16.40
CA GLN B 120 6.84 1.10 17.08
C GLN B 120 7.25 2.53 16.73
N ARG B 121 8.45 2.69 16.18
CA ARG B 121 9.08 3.97 15.90
C ARG B 121 8.34 4.82 14.89
N GLY B 122 8.12 4.28 13.70
CA GLY B 122 7.50 5.04 12.64
C GLY B 122 6.20 4.41 12.15
N ARG B 123 5.28 5.26 11.67
CA ARG B 123 4.13 4.75 10.94
C ARG B 123 4.57 4.08 9.64
N ALA B 124 5.62 4.63 9.01
CA ALA B 124 6.20 4.00 7.83
C ALA B 124 6.90 2.70 8.20
N GLY B 125 7.46 2.61 9.41
CA GLY B 125 8.10 1.37 9.84
C GLY B 125 7.09 0.26 10.09
N GLU B 126 5.94 0.61 10.69
CA GLU B 126 4.89 -0.38 10.89
C GLU B 126 4.22 -0.76 9.59
N MET B 127 4.09 0.20 8.66
CA MET B 127 3.57 -0.12 7.33
C MET B 127 4.56 -0.96 6.54
N ASN B 128 5.85 -0.82 6.82
CA ASN B 128 6.85 -1.70 6.22
C ASN B 128 6.73 -3.12 6.77
N ALA B 129 6.76 -3.26 8.10
CA ALA B 129 6.69 -4.59 8.72
C ALA B 129 5.33 -5.25 8.49
N LEU B 130 4.31 -4.46 8.16
CA LEU B 130 3.02 -5.01 7.75
C LEU B 130 3.10 -5.64 6.38
N LEU B 131 4.02 -5.18 5.55
CA LEU B 131 4.02 -5.49 4.13
C LEU B 131 4.69 -6.82 3.80
N LEU B 132 5.67 -7.26 4.61
CA LEU B 132 6.50 -8.40 4.25
C LEU B 132 5.71 -9.69 4.13
N GLY B 133 4.75 -9.90 5.05
CA GLY B 133 3.96 -11.12 5.03
C GLY B 133 3.02 -11.21 3.85
N SER B 134 2.78 -10.08 3.18
CA SER B 134 1.95 -10.12 1.98
C SER B 134 2.75 -9.85 0.72
N VAL B 135 3.92 -9.21 0.85
CA VAL B 135 4.74 -8.97 -0.35
C VAL B 135 5.72 -10.14 -0.55
N ASP B 136 5.63 -11.17 0.29
CA ASP B 136 6.49 -12.33 0.10
C ASP B 136 5.96 -13.28 -0.97
N GLU B 137 5.06 -12.82 -1.83
CA GLU B 137 4.47 -13.69 -2.84
C GLU B 137 5.21 -13.62 -4.18
N ASN B 138 6.34 -12.92 -4.23
CA ASN B 138 7.05 -12.74 -5.49
C ASN B 138 7.97 -13.90 -5.85
N LEU B 139 7.97 -14.98 -5.07
CA LEU B 139 8.85 -16.09 -5.40
C LEU B 139 8.30 -16.90 -6.59
N ASN B 140 6.98 -16.79 -6.82
CA ASN B 140 6.40 -17.25 -8.08
C ASN B 140 7.01 -16.52 -9.26
N TYR B 141 7.26 -15.21 -9.10
CA TYR B 141 7.90 -14.47 -10.17
C TYR B 141 9.38 -14.79 -10.27
N VAL B 142 10.02 -15.17 -9.16
CA VAL B 142 11.45 -15.45 -9.26
C VAL B 142 11.70 -16.84 -9.85
N ILE B 143 10.70 -17.72 -9.81
CA ILE B 143 10.84 -18.97 -10.58
C ILE B 143 10.30 -18.79 -12.01
N ALA B 144 9.48 -17.77 -12.23
CA ALA B 144 9.04 -17.47 -13.59
C ALA B 144 10.13 -16.79 -14.42
N ILE B 145 10.99 -16.00 -13.76
CA ILE B 145 12.02 -15.25 -14.47
C ILE B 145 13.18 -16.15 -14.88
N ALA B 146 13.40 -17.25 -14.16
CA ALA B 146 14.57 -18.11 -14.33
C ALA B 146 14.56 -18.78 -15.69
N ASN B 147 13.40 -19.31 -16.08
CA ASN B 147 13.25 -19.98 -17.37
C ASN B 147 13.43 -19.00 -18.53
N ILE B 148 12.89 -17.79 -18.42
CA ILE B 148 12.91 -16.84 -19.53
C ILE B 148 14.30 -16.26 -19.72
N LEU B 149 14.95 -15.84 -18.63
CA LEU B 149 16.30 -15.33 -18.74
C LEU B 149 17.28 -16.44 -19.14
N LEU B 150 16.99 -17.68 -18.74
CA LEU B 150 17.87 -18.79 -19.07
C LEU B 150 17.75 -19.17 -20.54
N LEU B 151 16.54 -19.15 -21.09
CA LEU B 151 16.34 -19.27 -22.54
C LEU B 151 17.11 -18.18 -23.27
N THR B 152 16.88 -16.91 -22.88
CA THR B 152 17.42 -15.75 -23.58
C THR B 152 18.93 -15.72 -23.61
N ILE B 153 19.61 -16.11 -22.54
CA ILE B 153 21.07 -16.08 -22.58
C ILE B 153 21.67 -17.41 -23.01
N VAL B 154 21.14 -18.56 -22.56
CA VAL B 154 21.82 -19.83 -22.85
C VAL B 154 21.53 -20.32 -24.26
N THR B 155 20.26 -20.31 -24.70
CA THR B 155 19.90 -20.95 -25.96
C THR B 155 20.58 -20.35 -27.19
N PRO B 156 20.66 -19.03 -27.40
CA PRO B 156 21.49 -18.56 -28.50
C PRO B 156 22.98 -18.69 -28.24
N LEU B 157 23.42 -18.86 -27.00
CA LEU B 157 24.83 -19.13 -26.76
C LEU B 157 25.20 -20.54 -27.20
N THR B 158 24.34 -21.52 -26.94
CA THR B 158 24.60 -22.86 -27.43
C THR B 158 24.50 -22.94 -28.94
N ALA B 159 23.46 -22.34 -29.53
CA ALA B 159 23.33 -22.36 -30.99
C ALA B 159 24.46 -21.59 -31.67
N SER B 160 24.93 -20.51 -31.04
CA SER B 160 25.99 -19.71 -31.62
C SER B 160 27.34 -20.41 -31.53
N LEU B 161 27.65 -21.02 -30.39
CA LEU B 161 28.85 -21.83 -30.29
C LEU B 161 28.75 -23.12 -31.08
N ALA B 162 27.56 -23.50 -31.54
CA ALA B 162 27.47 -24.58 -32.51
C ALA B 162 27.79 -24.10 -33.91
N THR B 163 27.41 -22.87 -34.24
CA THR B 163 27.73 -22.32 -35.56
C THR B 163 29.23 -22.04 -35.74
N LEU B 164 29.99 -21.88 -34.65
CA LEU B 164 31.42 -21.57 -34.76
C LEU B 164 32.21 -22.69 -35.42
N TRP B 165 31.70 -23.92 -35.41
CA TRP B 165 32.27 -24.95 -36.25
C TRP B 165 31.25 -25.57 -37.20
N ILE B 166 30.13 -24.90 -37.46
CA ILE B 166 29.39 -25.12 -38.70
C ILE B 166 29.26 -23.77 -39.40
N ASP B 167 30.23 -23.48 -40.27
CA ASP B 167 30.45 -22.40 -41.26
C ASP B 167 30.98 -21.05 -40.75
N TRP B 168 31.08 -20.81 -39.45
CA TRP B 168 31.96 -19.80 -38.83
C TRP B 168 31.65 -18.33 -39.15
N ARG B 169 30.77 -18.06 -40.11
CA ARG B 169 30.56 -16.67 -40.48
C ARG B 169 29.21 -16.18 -39.98
N LEU B 170 28.32 -17.13 -39.70
CA LEU B 170 27.12 -16.80 -38.97
C LEU B 170 27.35 -16.91 -37.47
N GLY B 171 28.42 -17.61 -37.08
CA GLY B 171 28.68 -17.83 -35.67
C GLY B 171 29.03 -16.55 -34.93
N LEU B 172 29.83 -15.70 -35.57
CA LEU B 172 30.24 -14.45 -34.94
C LEU B 172 29.06 -13.50 -34.75
N VAL B 173 28.22 -13.36 -35.78
CA VAL B 173 27.12 -12.40 -35.70
C VAL B 173 25.99 -12.90 -34.82
N MET B 174 25.70 -14.20 -34.85
CA MET B 174 24.67 -14.70 -33.96
C MET B 174 25.17 -14.83 -32.53
N LEU B 175 26.49 -14.91 -32.33
CA LEU B 175 27.04 -14.79 -30.99
C LEU B 175 27.14 -13.33 -30.57
N LEU B 176 26.99 -12.39 -31.50
CA LEU B 176 27.04 -10.99 -31.16
C LEU B 176 25.67 -10.35 -30.92
N ILE B 177 24.56 -10.96 -31.35
CA ILE B 177 23.28 -10.27 -31.25
C ILE B 177 22.81 -10.13 -29.78
N PHE B 178 22.73 -11.25 -29.04
CA PHE B 178 22.18 -11.31 -27.66
C PHE B 178 23.05 -10.79 -26.50
N PRO B 179 24.40 -10.85 -26.52
CA PRO B 179 25.12 -10.08 -25.51
C PRO B 179 25.09 -8.59 -25.79
N LEU B 180 24.73 -8.21 -27.00
CA LEU B 180 24.36 -6.82 -27.26
C LEU B 180 22.91 -6.57 -26.86
N LEU B 181 22.18 -7.61 -26.48
CA LEU B 181 20.81 -7.40 -26.00
C LEU B 181 20.76 -7.30 -24.49
N VAL B 182 20.99 -8.42 -23.80
CA VAL B 182 20.69 -8.50 -22.36
C VAL B 182 21.82 -8.01 -21.44
N PRO B 183 23.11 -8.33 -21.65
CA PRO B 183 24.13 -7.57 -20.89
C PRO B 183 24.19 -6.10 -21.26
N PHE B 184 23.82 -5.74 -22.49
CA PHE B 184 23.71 -4.32 -22.76
C PHE B 184 22.44 -3.74 -22.15
N TYR B 185 21.44 -4.59 -21.87
CA TYR B 185 20.29 -4.12 -21.11
C TYR B 185 20.67 -3.84 -19.66
N TYR B 186 21.50 -4.69 -19.07
CA TYR B 186 21.89 -4.48 -17.69
C TYR B 186 23.07 -3.50 -17.58
N TRP B 187 23.62 -3.08 -18.72
CA TRP B 187 24.53 -1.95 -18.72
C TRP B 187 23.80 -0.66 -19.08
N ARG B 188 22.60 -0.78 -19.66
CA ARG B 188 21.75 0.37 -19.88
C ARG B 188 20.81 0.61 -18.71
N ARG B 189 20.79 -0.34 -17.77
CA ARG B 189 20.08 -0.19 -16.50
C ARG B 189 20.42 1.09 -15.73
N PRO B 190 21.65 1.64 -15.80
CA PRO B 190 21.80 3.06 -15.44
C PRO B 190 20.88 4.02 -16.19
N ALA B 191 20.90 4.01 -17.53
CA ALA B 191 20.04 4.92 -18.28
C ALA B 191 18.58 4.47 -18.23
N MET B 192 18.34 3.17 -18.07
CA MET B 192 16.96 2.68 -17.97
C MET B 192 16.31 3.15 -16.67
N ARG B 193 17.04 3.02 -15.54
CA ARG B 193 16.51 3.54 -14.29
C ARG B 193 16.56 5.06 -14.26
N ARG B 194 17.40 5.68 -15.10
CA ARG B 194 17.31 7.13 -15.29
C ARG B 194 15.97 7.51 -15.91
N GLN B 195 15.53 6.77 -16.94
CA GLN B 195 14.23 7.03 -17.56
C GLN B 195 13.08 6.80 -16.59
N MET B 196 13.10 5.64 -15.91
CA MET B 196 12.04 5.30 -14.98
C MET B 196 12.04 6.22 -13.76
N GLN B 197 13.21 6.74 -13.37
CA GLN B 197 13.26 7.63 -12.21
C GLN B 197 12.91 9.07 -12.59
N THR B 198 13.17 9.47 -13.84
CA THR B 198 12.70 10.77 -14.28
C THR B 198 11.18 10.80 -14.39
N LEU B 199 10.57 9.67 -14.72
CA LEU B 199 9.14 9.59 -14.49
C LEU B 199 8.79 9.50 -13.01
N GLY B 200 9.61 8.80 -12.23
CA GLY B 200 9.21 8.35 -10.92
C GLY B 200 9.25 9.44 -9.86
N GLU B 201 10.28 10.29 -9.89
CA GLU B 201 10.40 11.32 -8.85
C GLU B 201 9.34 12.40 -9.04
N ALA B 202 9.02 12.72 -10.29
CA ALA B 202 7.89 13.60 -10.59
C ALA B 202 6.58 12.96 -10.16
N HIS B 203 6.46 11.64 -10.38
CA HIS B 203 5.28 10.91 -9.91
C HIS B 203 5.20 10.91 -8.38
N GLN B 204 6.34 10.91 -7.70
CA GLN B 204 6.33 10.89 -6.23
C GLN B 204 6.00 12.25 -5.64
N ARG B 205 6.47 13.34 -6.25
CA ARG B 205 6.06 14.65 -5.73
C ARG B 205 4.60 14.93 -6.05
N LEU B 206 4.13 14.43 -7.21
CA LEU B 206 2.70 14.50 -7.48
C LEU B 206 1.90 13.64 -6.52
N SER B 207 2.45 12.49 -6.12
CA SER B 207 1.78 11.63 -5.14
C SER B 207 1.75 12.29 -3.78
N GLY B 208 2.78 13.07 -3.44
CA GLY B 208 2.76 13.84 -2.21
C GLY B 208 1.72 14.93 -2.23
N ASP B 209 1.58 15.63 -3.37
CA ASP B 209 0.50 16.61 -3.52
C ASP B 209 -0.86 15.93 -3.49
N ILE B 210 -0.94 14.71 -4.02
CA ILE B 210 -2.19 13.96 -4.05
C ILE B 210 -2.58 13.50 -2.65
N VAL B 211 -1.63 13.08 -1.83
CA VAL B 211 -1.99 12.62 -0.48
C VAL B 211 -2.25 13.81 0.44
N GLU B 212 -1.58 14.95 0.20
CA GLU B 212 -1.94 16.19 0.90
C GLU B 212 -3.37 16.63 0.56
N PHE B 213 -3.71 16.58 -0.73
CA PHE B 213 -5.06 16.87 -1.18
C PHE B 213 -6.07 15.89 -0.60
N ALA B 214 -5.71 14.60 -0.57
CA ALA B 214 -6.64 13.56 -0.16
C ALA B 214 -6.87 13.56 1.35
N GLN B 215 -5.85 13.97 2.11
CA GLN B 215 -6.06 14.09 3.55
C GLN B 215 -6.80 15.37 3.89
N GLY B 216 -6.29 16.52 3.47
CA GLY B 216 -6.97 17.75 3.79
C GLY B 216 -7.96 18.23 2.78
N MET B 217 -8.66 17.32 2.11
CA MET B 217 -9.70 17.70 1.17
C MET B 217 -10.87 18.39 1.87
N MET B 218 -11.17 18.00 3.11
CA MET B 218 -12.24 18.62 3.87
C MET B 218 -11.89 20.06 4.24
N VAL B 219 -10.68 20.26 4.75
CA VAL B 219 -10.20 21.60 5.10
C VAL B 219 -10.04 22.45 3.85
N LEU B 220 -9.67 21.83 2.73
CA LEU B 220 -9.48 22.58 1.48
C LEU B 220 -10.82 22.98 0.88
N ARG B 221 -11.85 22.15 1.08
CA ARG B 221 -13.19 22.52 0.64
C ARG B 221 -13.77 23.63 1.52
N THR B 222 -13.72 23.45 2.83
CA THR B 222 -14.41 24.39 3.72
C THR B 222 -13.49 25.56 4.10
N CYS B 223 -12.32 25.66 3.47
CA CYS B 223 -11.42 26.76 3.76
C CYS B 223 -11.58 27.92 2.80
N GLY B 224 -11.49 27.69 1.49
CA GLY B 224 -11.57 28.78 0.53
C GLY B 224 -10.60 28.64 -0.61
N SER B 225 -9.52 27.88 -0.42
CA SER B 225 -8.50 27.72 -1.45
C SER B 225 -8.77 26.45 -2.27
N ASP B 226 -10.01 26.32 -2.71
CA ASP B 226 -10.40 25.31 -3.68
C ASP B 226 -10.43 25.90 -5.08
N ALA B 227 -9.84 27.10 -5.21
CA ALA B 227 -9.58 27.72 -6.50
C ALA B 227 -8.09 27.95 -6.66
N ASP B 228 -7.37 28.19 -5.57
CA ASP B 228 -5.92 28.36 -5.67
C ASP B 228 -5.19 27.02 -5.66
N LYS B 229 -5.37 26.24 -4.58
CA LYS B 229 -4.62 24.99 -4.46
C LYS B 229 -5.18 23.90 -5.37
N SER B 230 -6.49 23.92 -5.63
CA SER B 230 -7.09 22.94 -6.53
C SER B 230 -6.60 23.14 -7.97
N ARG B 231 -6.64 24.38 -8.46
CA ARG B 231 -6.13 24.64 -9.80
C ARG B 231 -4.61 24.52 -9.85
N ALA B 232 -3.94 24.71 -8.69
CA ALA B 232 -2.52 24.42 -8.61
C ALA B 232 -2.26 22.92 -8.80
N LEU B 233 -3.07 22.07 -8.18
CA LEU B 233 -2.96 20.63 -8.38
C LEU B 233 -3.27 20.23 -9.82
N LEU B 234 -4.22 20.91 -10.45
CA LEU B 234 -4.57 20.58 -11.82
C LEU B 234 -3.49 21.01 -12.80
N ALA B 235 -2.88 22.18 -12.57
CA ALA B 235 -1.74 22.58 -13.37
C ALA B 235 -0.54 21.69 -13.10
N HIS B 236 -0.45 21.14 -11.88
CA HIS B 236 0.58 20.15 -11.59
C HIS B 236 0.34 18.85 -12.34
N PHE B 237 -0.93 18.47 -12.53
CA PHE B 237 -1.26 17.31 -13.34
C PHE B 237 -0.87 17.51 -14.78
N ASN B 238 -1.15 18.70 -15.32
CA ASN B 238 -0.78 19.02 -16.69
C ASN B 238 0.73 19.08 -16.85
N ALA B 239 1.43 19.56 -15.82
CA ALA B 239 2.90 19.58 -15.86
C ALA B 239 3.47 18.17 -15.82
N LEU B 240 2.83 17.27 -15.07
CA LEU B 240 3.28 15.87 -15.06
C LEU B 240 3.05 15.21 -16.41
N GLU B 241 1.91 15.50 -17.07
CA GLU B 241 1.66 14.91 -18.38
C GLU B 241 2.65 15.41 -19.42
N ASN B 242 2.97 16.70 -19.38
CA ASN B 242 3.94 17.24 -20.34
C ASN B 242 5.34 16.72 -20.05
N LEU B 243 5.70 16.53 -18.78
CA LEU B 243 6.99 15.95 -18.46
C LEU B 243 7.06 14.50 -18.91
N GLN B 244 5.95 13.77 -18.81
CA GLN B 244 5.93 12.37 -19.20
C GLN B 244 6.09 12.23 -20.72
N THR B 245 5.43 13.10 -21.50
CA THR B 245 5.60 13.03 -22.95
C THR B 245 7.01 13.48 -23.36
N ARG B 246 7.55 14.50 -22.70
CA ARG B 246 8.86 15.03 -23.08
C ARG B 246 9.98 14.06 -22.70
N THR B 247 9.75 13.21 -21.70
CA THR B 247 10.70 12.13 -21.44
C THR B 247 10.46 10.97 -22.39
N HIS B 248 9.19 10.72 -22.71
CA HIS B 248 8.84 9.53 -23.47
C HIS B 248 9.30 9.61 -24.92
N ARG B 249 9.47 10.81 -25.47
CA ARG B 249 9.91 10.91 -26.87
C ARG B 249 11.33 10.35 -27.06
N GLN B 250 12.28 10.76 -26.22
CA GLN B 250 13.63 10.21 -26.30
C GLN B 250 13.66 8.78 -25.76
N GLY B 251 12.81 8.47 -24.79
CA GLY B 251 12.73 7.11 -24.28
C GLY B 251 12.26 6.12 -25.32
N ALA B 252 11.29 6.51 -26.14
CA ALA B 252 10.77 5.61 -27.18
C ALA B 252 11.76 5.50 -28.32
N GLY B 253 12.38 6.62 -28.71
CA GLY B 253 13.39 6.57 -29.77
C GLY B 253 14.61 5.75 -29.39
N ALA B 254 14.90 5.61 -28.10
CA ALA B 254 16.00 4.75 -27.68
C ALA B 254 15.54 3.32 -27.42
N THR B 255 14.29 3.14 -26.98
CA THR B 255 13.87 1.84 -26.47
C THR B 255 13.34 0.95 -27.59
N MET B 256 12.88 1.52 -28.71
CA MET B 256 12.34 0.68 -29.77
C MET B 256 13.42 -0.15 -30.47
N LEU B 257 14.65 0.36 -30.54
CA LEU B 257 15.75 -0.44 -31.06
C LEU B 257 16.09 -1.60 -30.13
N ILE B 258 15.94 -1.39 -28.82
CA ILE B 258 16.16 -2.45 -27.84
C ILE B 258 15.16 -3.58 -28.02
N ALA B 259 13.91 -3.22 -28.35
CA ALA B 259 12.90 -4.24 -28.63
C ALA B 259 13.17 -4.95 -29.96
N SER B 260 13.60 -4.21 -30.98
CA SER B 260 13.84 -4.79 -32.30
C SER B 260 15.30 -5.19 -32.53
N VAL B 261 16.06 -5.41 -31.45
CA VAL B 261 17.40 -6.02 -31.52
C VAL B 261 17.39 -7.29 -32.35
N VAL B 262 16.43 -8.19 -32.09
CA VAL B 262 16.43 -9.46 -32.80
C VAL B 262 15.99 -9.28 -34.26
N GLU B 263 15.18 -8.25 -34.55
CA GLU B 263 14.72 -8.02 -35.92
C GLU B 263 15.84 -7.45 -36.78
N LEU B 264 16.54 -6.44 -36.28
CA LEU B 264 17.68 -5.90 -37.01
C LEU B 264 18.83 -6.91 -37.06
N GLY B 265 18.97 -7.74 -36.01
CA GLY B 265 19.97 -8.81 -36.06
C GLY B 265 19.65 -9.87 -37.07
N LEU B 266 18.36 -10.20 -37.22
CA LEU B 266 17.91 -11.14 -38.24
C LEU B 266 18.19 -10.63 -39.63
N GLN B 267 17.85 -9.36 -39.90
CA GLN B 267 18.07 -8.85 -41.26
C GLN B 267 19.56 -8.60 -41.55
N VAL B 268 20.37 -8.32 -40.52
CA VAL B 268 21.80 -8.14 -40.79
C VAL B 268 22.49 -9.49 -40.99
N VAL B 269 22.02 -10.55 -40.32
CA VAL B 269 22.52 -11.88 -40.61
C VAL B 269 22.06 -12.34 -41.99
N VAL B 270 20.86 -11.90 -42.40
CA VAL B 270 20.39 -12.12 -43.78
C VAL B 270 21.34 -11.50 -44.79
N LEU B 271 21.71 -10.24 -44.58
CA LEU B 271 22.58 -9.55 -45.55
C LEU B 271 24.00 -10.13 -45.55
N SER B 272 24.52 -10.46 -44.37
CA SER B 272 25.86 -11.02 -44.29
C SER B 272 25.91 -12.43 -44.86
N GLY B 273 24.87 -13.22 -44.63
CA GLY B 273 24.80 -14.53 -45.23
C GLY B 273 24.63 -14.48 -46.73
N ILE B 274 23.88 -13.49 -47.23
CA ILE B 274 23.67 -13.38 -48.68
C ILE B 274 24.96 -12.96 -49.37
N VAL B 275 25.68 -12.00 -48.80
CA VAL B 275 26.94 -11.58 -49.41
C VAL B 275 28.00 -12.66 -49.27
N TRP B 276 27.92 -13.51 -48.25
CA TRP B 276 28.91 -14.58 -48.15
C TRP B 276 28.48 -15.82 -48.92
N VAL B 277 27.21 -15.90 -49.33
CA VAL B 277 26.81 -16.95 -50.26
C VAL B 277 27.27 -16.59 -51.67
N VAL B 278 26.96 -15.37 -52.12
CA VAL B 278 27.31 -14.99 -53.48
C VAL B 278 28.78 -14.58 -53.63
N THR B 279 29.50 -14.38 -52.53
CA THR B 279 30.90 -14.05 -52.58
C THR B 279 31.78 -15.23 -52.20
N GLY B 280 31.33 -16.07 -51.27
CA GLY B 280 32.16 -17.13 -50.76
C GLY B 280 31.52 -18.51 -50.87
N THR B 281 31.39 -19.18 -49.72
CA THR B 281 31.13 -20.60 -49.68
C THR B 281 29.68 -20.94 -50.02
N LEU B 282 29.35 -22.22 -49.87
CA LEU B 282 28.00 -22.74 -50.13
C LEU B 282 27.23 -22.74 -48.82
N ASN B 283 26.87 -21.55 -48.38
CA ASN B 283 26.24 -21.36 -47.08
C ASN B 283 24.74 -21.15 -47.23
N LEU B 284 24.07 -21.81 -48.18
CA LEU B 284 22.67 -21.48 -48.41
C LEU B 284 21.77 -22.12 -47.37
N ALA B 285 21.87 -23.44 -47.21
CA ALA B 285 21.03 -24.15 -46.24
C ALA B 285 21.34 -23.71 -44.82
N PHE B 286 22.61 -23.42 -44.55
CA PHE B 286 22.97 -22.92 -43.23
C PHE B 286 22.43 -21.52 -43.01
N LEU B 287 22.27 -20.75 -44.09
CA LEU B 287 21.65 -19.44 -43.95
C LEU B 287 20.16 -19.55 -43.66
N ILE B 288 19.48 -20.51 -44.30
CA ILE B 288 18.05 -20.70 -44.01
C ILE B 288 17.86 -21.17 -42.58
N ALA B 289 18.76 -22.03 -42.09
CA ALA B 289 18.61 -22.52 -40.73
C ALA B 289 19.00 -21.47 -39.69
N ALA B 290 19.92 -20.56 -40.03
CA ALA B 290 20.21 -19.46 -39.11
C ALA B 290 19.09 -18.44 -39.08
N VAL B 291 18.44 -18.22 -40.23
CA VAL B 291 17.23 -17.39 -40.30
C VAL B 291 16.13 -17.98 -39.43
N ALA B 292 16.02 -19.31 -39.40
CA ALA B 292 15.11 -19.95 -38.46
C ALA B 292 15.53 -19.73 -37.01
N MET B 293 16.84 -19.85 -36.73
CA MET B 293 17.37 -19.76 -35.36
C MET B 293 17.11 -18.41 -34.71
N ILE B 294 17.33 -17.32 -35.44
CA ILE B 294 17.21 -16.01 -34.80
C ILE B 294 15.74 -15.67 -34.54
N MET B 295 14.85 -16.10 -35.42
CA MET B 295 13.43 -15.90 -35.16
C MET B 295 12.97 -16.81 -34.03
N ARG B 296 13.68 -17.91 -33.78
CA ARG B 296 13.41 -18.67 -32.56
C ARG B 296 13.87 -17.93 -31.32
N PHE B 297 15.02 -17.24 -31.38
CA PHE B 297 15.47 -16.50 -30.20
C PHE B 297 14.68 -15.22 -29.99
N ALA B 298 13.79 -14.88 -30.93
CA ALA B 298 13.00 -13.65 -30.80
C ALA B 298 12.05 -13.66 -29.60
N GLU B 299 11.44 -14.81 -29.30
CA GLU B 299 10.35 -14.80 -28.31
C GLU B 299 10.79 -14.69 -26.85
N PRO B 300 11.82 -15.42 -26.35
CA PRO B 300 12.20 -15.20 -24.95
C PRO B 300 12.79 -13.84 -24.66
N MET B 301 13.36 -13.12 -25.63
CA MET B 301 13.75 -11.75 -25.33
C MET B 301 12.51 -10.85 -25.32
N ALA B 302 11.50 -11.20 -26.11
CA ALA B 302 10.26 -10.44 -26.11
C ALA B 302 9.49 -10.63 -24.81
N MET B 303 9.74 -11.73 -24.12
CA MET B 303 9.20 -11.87 -22.78
C MET B 303 10.14 -11.28 -21.74
N PHE B 304 11.45 -11.33 -22.00
CA PHE B 304 12.43 -10.88 -21.01
C PHE B 304 12.38 -9.38 -20.83
N ILE B 305 12.11 -8.63 -21.90
CA ILE B 305 11.94 -7.19 -21.72
C ILE B 305 10.60 -6.87 -21.08
N SER B 306 9.67 -7.84 -21.08
CA SER B 306 8.41 -7.65 -20.37
C SER B 306 8.52 -8.01 -18.91
N TYR B 307 9.63 -8.63 -18.51
CA TYR B 307 9.85 -9.01 -17.12
C TYR B 307 10.98 -8.23 -16.47
N THR B 308 11.48 -7.16 -17.09
CA THR B 308 12.64 -6.51 -16.53
C THR B 308 12.27 -5.50 -15.46
N SER B 309 10.97 -5.35 -15.19
CA SER B 309 10.54 -4.62 -14.00
C SER B 309 10.39 -5.55 -12.81
N VAL B 310 10.03 -6.81 -13.09
CA VAL B 310 9.80 -7.77 -12.02
C VAL B 310 11.11 -8.17 -11.37
N VAL B 311 12.22 -8.10 -12.10
CA VAL B 311 13.52 -8.38 -11.49
C VAL B 311 13.94 -7.23 -10.57
N GLU B 312 13.57 -6.00 -10.94
CA GLU B 312 13.80 -4.87 -10.04
C GLU B 312 12.99 -5.03 -8.75
N LEU B 313 11.72 -5.43 -8.89
CA LEU B 313 10.86 -5.64 -7.73
C LEU B 313 11.36 -6.78 -6.85
N ILE B 314 11.85 -7.86 -7.45
CA ILE B 314 12.32 -9.01 -6.67
C ILE B 314 13.64 -8.70 -5.98
N ALA B 315 14.53 -7.96 -6.64
CA ALA B 315 15.79 -7.61 -6.00
C ALA B 315 15.56 -6.64 -4.85
N SER B 316 14.60 -5.72 -5.01
CA SER B 316 14.26 -4.83 -3.89
C SER B 316 13.59 -5.60 -2.75
N ALA B 317 12.76 -6.59 -3.08
CA ALA B 317 12.09 -7.36 -2.03
C ALA B 317 13.06 -8.24 -1.27
N LEU B 318 14.03 -8.84 -1.97
CA LEU B 318 15.03 -9.65 -1.28
C LEU B 318 15.96 -8.80 -0.45
N GLN B 319 16.25 -7.58 -0.91
CA GLN B 319 17.03 -6.67 -0.09
C GLN B 319 16.25 -6.24 1.14
N ARG B 320 14.94 -6.06 1.00
CA ARG B 320 14.14 -5.63 2.15
C ARG B 320 13.95 -6.76 3.16
N ILE B 321 13.84 -7.99 2.68
CA ILE B 321 13.75 -9.13 3.59
C ILE B 321 15.07 -9.33 4.32
N GLU B 322 16.18 -9.43 3.59
CA GLU B 322 17.46 -9.66 4.26
C GLU B 322 18.05 -8.39 4.86
N GLN B 323 17.37 -7.26 4.78
CA GLN B 323 17.63 -6.14 5.68
C GLN B 323 16.74 -6.22 6.90
N PHE B 324 15.56 -6.80 6.78
CA PHE B 324 14.68 -6.91 7.93
C PHE B 324 15.06 -8.08 8.82
N MET B 325 15.38 -9.23 8.25
CA MET B 325 15.69 -10.39 9.06
C MET B 325 17.09 -10.36 9.66
N ALA B 326 17.85 -9.29 9.43
CA ALA B 326 19.10 -9.06 10.14
C ALA B 326 18.91 -8.27 11.43
N ILE B 327 17.66 -7.98 11.80
CA ILE B 327 17.40 -7.24 13.03
C ILE B 327 17.57 -8.15 14.23
N ALA B 328 18.45 -7.76 15.15
CA ALA B 328 18.86 -8.52 16.30
C ALA B 328 18.07 -8.12 17.53
N PRO B 329 17.72 -9.08 18.40
CA PRO B 329 16.92 -8.77 19.59
C PRO B 329 17.68 -8.02 20.66
N LEU B 330 17.03 -7.85 21.82
CA LEU B 330 17.76 -7.10 22.84
C LEU B 330 18.71 -8.03 23.57
N PRO B 331 19.88 -7.53 24.02
CA PRO B 331 20.80 -8.41 24.74
C PRO B 331 20.36 -8.67 26.15
N VAL B 332 20.33 -9.95 26.53
CA VAL B 332 20.10 -10.37 27.90
C VAL B 332 21.39 -11.02 28.40
N ALA B 333 21.63 -10.94 29.70
CA ALA B 333 22.89 -11.39 30.28
C ALA B 333 22.69 -11.82 31.72
N GLU B 334 22.99 -13.10 31.99
CA GLU B 334 23.10 -13.65 33.35
C GLU B 334 21.81 -13.54 34.13
N GLN B 335 20.72 -14.05 33.57
CA GLN B 335 19.43 -14.05 34.25
C GLN B 335 19.41 -15.15 35.32
N SER B 336 19.71 -14.71 36.54
CA SER B 336 19.59 -15.55 37.74
C SER B 336 18.95 -14.70 38.83
N GLU B 337 17.93 -13.94 38.45
CA GLU B 337 17.36 -12.94 39.35
C GLU B 337 15.87 -13.22 39.54
N MET B 338 15.38 -12.78 40.70
CA MET B 338 13.96 -12.85 41.04
C MET B 338 13.64 -11.53 41.73
N PRO B 339 13.15 -10.53 40.99
CA PRO B 339 12.97 -9.19 41.55
C PRO B 339 11.78 -9.07 42.48
N GLU B 340 11.97 -9.42 43.75
CA GLU B 340 10.90 -9.31 44.73
C GLU B 340 10.55 -7.86 45.08
N ARG B 341 11.50 -6.93 44.91
CA ARG B 341 11.21 -5.53 45.19
C ARG B 341 11.01 -4.76 43.89
N TYR B 342 10.08 -3.80 43.93
CA TYR B 342 9.68 -3.05 42.73
C TYR B 342 9.93 -1.58 43.02
N ASP B 343 11.17 -1.16 42.83
CA ASP B 343 11.63 0.20 43.12
C ASP B 343 12.31 0.67 41.84
N ILE B 344 11.53 1.23 40.93
CA ILE B 344 12.03 1.60 39.63
C ILE B 344 12.78 2.93 39.71
N ARG B 345 14.10 2.87 39.73
CA ARG B 345 14.94 4.05 39.93
C ARG B 345 15.78 4.28 38.67
N PHE B 346 15.28 5.14 37.79
CA PHE B 346 16.09 5.63 36.68
C PHE B 346 17.15 6.58 37.22
N ASP B 347 18.40 6.36 36.83
CA ASP B 347 19.53 7.16 37.33
C ASP B 347 20.44 7.54 36.17
N ASN B 348 20.50 8.86 35.89
CA ASN B 348 21.31 9.45 34.83
C ASN B 348 20.98 8.87 33.45
N VAL B 349 19.71 8.57 33.24
CA VAL B 349 19.25 8.06 31.95
C VAL B 349 19.15 9.22 30.99
N SER B 350 19.86 9.12 29.87
CA SER B 350 19.84 10.17 28.84
C SER B 350 19.66 9.50 27.49
N TYR B 351 18.41 9.28 27.11
CA TYR B 351 18.08 8.53 25.91
C TYR B 351 17.74 9.47 24.77
N ARG B 352 18.60 9.49 23.75
CA ARG B 352 18.37 10.26 22.54
C ARG B 352 17.60 9.37 21.57
N TYR B 353 16.42 9.84 21.15
CA TYR B 353 15.48 8.96 20.48
C TYR B 353 15.83 8.74 19.01
N GLU B 354 15.72 9.79 18.19
CA GLU B 354 15.81 9.66 16.74
C GLU B 354 16.40 10.93 16.15
N GLU B 355 16.17 11.11 14.85
CA GLU B 355 16.44 12.37 14.18
C GLU B 355 15.27 13.34 14.26
N GLY B 356 14.07 12.84 14.59
CA GLY B 356 12.94 13.74 14.77
C GLY B 356 12.94 14.38 16.15
N ASP B 357 13.01 13.56 17.19
CA ASP B 357 13.24 14.02 18.55
C ASP B 357 14.67 13.71 18.95
N GLY B 358 15.33 14.69 19.55
CA GLY B 358 16.74 14.55 19.89
C GLY B 358 16.92 13.82 21.19
N HIS B 359 17.58 14.47 22.17
CA HIS B 359 17.75 13.89 23.50
C HIS B 359 16.40 13.89 24.20
N ALA B 360 15.68 12.77 24.13
CA ALA B 360 14.34 12.71 24.69
C ALA B 360 14.35 12.64 26.20
N LEU B 361 15.47 12.26 26.80
CA LEU B 361 15.69 12.40 28.23
C LEU B 361 17.11 12.87 28.45
N ASN B 362 17.35 13.55 29.57
CA ASN B 362 18.68 14.08 29.86
C ASN B 362 18.95 13.93 31.35
N HIS B 363 19.56 12.79 31.71
CA HIS B 363 20.10 12.54 33.05
C HIS B 363 19.02 12.64 34.14
N VAL B 364 17.98 11.85 33.99
CA VAL B 364 16.84 11.90 34.89
C VAL B 364 17.10 11.06 36.12
N SER B 365 16.41 11.39 37.21
CA SER B 365 16.45 10.62 38.45
C SER B 365 15.01 10.36 38.85
N LEU B 366 14.58 9.12 38.73
CA LEU B 366 13.18 8.74 38.96
C LEU B 366 13.15 7.59 39.95
N THR B 367 12.20 7.65 40.87
CA THR B 367 11.99 6.59 41.85
C THR B 367 10.49 6.43 42.09
N PHE B 368 9.99 5.22 41.84
CA PHE B 368 8.56 4.93 41.98
C PHE B 368 8.35 3.79 42.97
N PRO B 369 8.64 4.02 44.26
CA PRO B 369 8.68 2.89 45.20
C PRO B 369 7.33 2.52 45.81
N ALA B 370 6.28 3.29 45.54
CA ALA B 370 5.04 3.18 46.29
C ALA B 370 4.27 1.95 45.84
N ALA B 371 3.57 1.31 46.78
CA ALA B 371 2.65 0.23 46.47
C ALA B 371 1.25 0.72 46.10
N SER B 372 1.06 2.05 46.00
CA SER B 372 -0.23 2.60 45.62
C SER B 372 -0.15 3.34 44.30
N MET B 373 0.71 4.36 44.17
CA MET B 373 0.75 5.21 42.99
C MET B 373 1.99 6.08 43.03
N SER B 374 2.52 6.41 41.86
CA SER B 374 3.51 7.46 41.71
C SER B 374 3.36 8.10 40.34
N ALA B 375 2.61 9.20 40.26
CA ALA B 375 2.28 9.81 38.99
C ALA B 375 3.45 10.62 38.45
N LEU B 376 3.30 11.12 37.22
CA LEU B 376 4.24 12.07 36.67
C LEU B 376 3.51 12.87 35.60
N VAL B 377 3.97 14.10 35.39
CA VAL B 377 3.57 14.90 34.24
C VAL B 377 4.84 15.44 33.60
N GLY B 378 4.81 15.58 32.27
CA GLY B 378 5.99 15.95 31.54
C GLY B 378 5.69 17.05 30.54
N ALA B 379 6.73 17.42 29.79
CA ALA B 379 6.57 18.49 28.81
C ALA B 379 5.82 18.02 27.57
N SER B 380 6.40 17.07 26.86
CA SER B 380 5.95 16.71 25.51
C SER B 380 5.98 15.19 25.36
N GLY B 381 5.95 14.74 24.11
CA GLY B 381 6.22 13.34 23.83
C GLY B 381 7.61 12.91 24.24
N ALA B 382 8.56 13.84 24.22
CA ALA B 382 9.88 13.59 24.80
C ALA B 382 9.90 14.09 26.24
N GLY B 383 10.11 13.17 27.17
CA GLY B 383 10.19 13.49 28.58
C GLY B 383 9.06 12.92 29.41
N LYS B 384 7.95 12.53 28.79
CA LYS B 384 6.77 12.08 29.51
C LYS B 384 6.39 10.65 29.18
N THR B 385 6.31 10.29 27.91
CA THR B 385 5.90 8.94 27.53
C THR B 385 7.06 8.10 27.02
N THR B 386 8.16 8.71 26.61
CA THR B 386 9.30 7.91 26.18
C THR B 386 10.03 7.29 27.37
N VAL B 387 9.78 7.77 28.59
CA VAL B 387 10.28 7.04 29.76
C VAL B 387 9.47 5.77 29.97
N THR B 388 8.18 5.80 29.64
CA THR B 388 7.38 4.57 29.69
C THR B 388 7.74 3.66 28.52
N LYS B 389 8.20 4.24 27.42
CA LYS B 389 8.76 3.43 26.33
C LYS B 389 10.05 2.75 26.76
N LEU B 390 10.90 3.46 27.51
CA LEU B 390 12.12 2.85 28.03
C LEU B 390 11.85 1.81 29.10
N LEU B 391 10.70 1.90 29.77
CA LEU B 391 10.41 1.04 30.90
C LEU B 391 10.21 -0.42 30.53
N MET B 392 9.87 -0.73 29.28
CA MET B 392 9.82 -2.12 28.85
C MET B 392 11.04 -2.53 28.04
N ARG B 393 12.15 -1.79 28.19
CA ARG B 393 13.33 -1.81 27.32
C ARG B 393 12.98 -1.97 25.84
N TYR B 394 12.11 -1.09 25.36
CA TYR B 394 11.88 -0.98 23.92
C TYR B 394 13.16 -0.56 23.23
N ALA B 395 13.88 0.39 23.81
CA ALA B 395 15.21 0.75 23.36
C ALA B 395 16.13 0.82 24.57
N ASP B 396 17.35 0.48 24.35
CA ASP B 396 18.30 0.65 25.42
C ASP B 396 18.66 2.13 25.52
N PRO B 397 18.93 2.63 26.74
CA PRO B 397 19.38 4.01 26.87
C PRO B 397 20.79 4.17 26.34
N GLN B 398 21.05 5.33 25.74
CA GLN B 398 22.40 5.60 25.26
C GLN B 398 23.37 5.87 26.41
N GLN B 399 22.86 6.26 27.57
CA GLN B 399 23.64 6.27 28.80
C GLN B 399 22.66 6.19 29.96
N GLY B 400 22.90 5.27 30.88
CA GLY B 400 22.09 5.17 32.08
C GLY B 400 21.84 3.72 32.50
N GLN B 401 20.92 3.60 33.44
CA GLN B 401 20.60 2.34 34.09
C GLN B 401 19.12 2.34 34.46
N ILE B 402 18.48 1.18 34.34
CA ILE B 402 17.08 1.01 34.72
C ILE B 402 17.02 -0.09 35.76
N SER B 403 16.89 0.29 37.03
CA SER B 403 16.80 -0.69 38.09
C SER B 403 15.34 -1.02 38.38
N ILE B 404 15.09 -2.26 38.77
CA ILE B 404 13.80 -2.67 39.34
C ILE B 404 14.13 -3.30 40.68
N GLY B 405 14.04 -2.49 41.74
CA GLY B 405 14.40 -2.94 43.06
C GLY B 405 15.89 -2.92 43.27
N GLY B 406 16.58 -3.95 42.78
CA GLY B 406 18.02 -3.99 42.85
C GLY B 406 18.67 -4.53 41.60
N VAL B 407 17.86 -5.00 40.65
CA VAL B 407 18.35 -5.67 39.46
C VAL B 407 18.11 -4.76 38.26
N ASP B 408 19.12 -4.68 37.39
CA ASP B 408 18.99 -3.98 36.12
C ASP B 408 17.93 -4.66 35.26
N ILE B 409 17.35 -3.89 34.35
CA ILE B 409 16.29 -4.44 33.51
C ILE B 409 16.87 -5.15 32.30
N ARG B 410 18.16 -4.94 32.00
CA ARG B 410 18.84 -5.64 30.91
C ARG B 410 19.34 -7.00 31.33
N ARG B 411 19.08 -7.41 32.57
CA ARG B 411 19.39 -8.73 33.06
C ARG B 411 18.18 -9.66 33.02
N LEU B 412 16.97 -9.12 33.10
CA LEU B 412 15.78 -9.94 33.08
C LEU B 412 15.49 -10.42 31.66
N THR B 413 15.02 -11.66 31.57
CA THR B 413 14.54 -12.16 30.30
C THR B 413 13.20 -11.52 29.97
N PRO B 414 12.91 -11.33 28.68
CA PRO B 414 11.64 -10.68 28.31
C PRO B 414 10.39 -11.46 28.68
N GLU B 415 10.49 -12.75 28.97
CA GLU B 415 9.33 -13.43 29.54
C GLU B 415 9.07 -12.96 30.97
N GLN B 416 10.11 -12.95 31.82
CA GLN B 416 9.95 -12.50 33.19
C GLN B 416 9.66 -11.01 33.25
N LEU B 417 10.26 -10.22 32.36
CA LEU B 417 10.00 -8.80 32.32
C LEU B 417 8.58 -8.50 31.84
N ASN B 418 8.12 -9.18 30.79
CA ASN B 418 6.80 -8.89 30.26
C ASN B 418 5.71 -9.58 31.07
N SER B 419 6.10 -10.43 32.02
CA SER B 419 5.12 -10.90 33.00
C SER B 419 5.21 -10.10 34.30
N LEU B 420 6.30 -9.36 34.48
CA LEU B 420 6.45 -8.57 35.70
C LEU B 420 5.58 -7.33 35.66
N ILE B 421 5.63 -6.58 34.56
CA ILE B 421 4.91 -5.32 34.46
C ILE B 421 3.85 -5.45 33.38
N SER B 422 2.89 -4.55 33.43
CA SER B 422 1.79 -4.56 32.47
C SER B 422 1.32 -3.14 32.23
N VAL B 423 1.05 -2.81 30.98
CA VAL B 423 0.48 -1.50 30.69
C VAL B 423 -1.03 -1.64 30.52
N VAL B 424 -1.73 -0.57 30.87
CA VAL B 424 -3.11 -0.38 30.47
C VAL B 424 -3.11 0.72 29.42
N PHE B 425 -3.65 0.39 28.24
CA PHE B 425 -3.43 1.14 27.01
C PHE B 425 -4.29 2.39 26.99
N GLN B 426 -4.36 3.01 25.82
CA GLN B 426 -5.27 4.10 25.56
C GLN B 426 -6.72 3.65 25.45
N ASP B 427 -7.07 2.86 24.43
CA ASP B 427 -8.43 2.32 24.29
C ASP B 427 -8.43 0.87 23.83
N VAL B 428 -7.37 0.40 23.19
CA VAL B 428 -7.54 -0.48 22.04
C VAL B 428 -7.12 -1.92 22.23
N TRP B 429 -7.26 -2.69 21.15
CA TRP B 429 -6.97 -4.11 20.97
C TRP B 429 -7.77 -5.06 21.85
N LEU B 430 -9.07 -5.13 21.58
CA LEU B 430 -9.80 -6.40 21.59
C LEU B 430 -10.00 -6.68 20.11
N PHE B 431 -9.99 -7.96 19.72
CA PHE B 431 -10.18 -8.28 18.31
C PHE B 431 -11.58 -8.82 18.01
N ASP B 432 -12.61 -8.27 18.67
CA ASP B 432 -14.06 -8.56 18.52
C ASP B 432 -14.37 -10.05 18.45
N ASP B 433 -13.68 -10.83 19.29
CA ASP B 433 -13.94 -12.26 19.40
C ASP B 433 -14.60 -12.52 20.74
N THR B 434 -14.68 -13.79 21.12
CA THR B 434 -15.15 -14.18 22.44
C THR B 434 -14.32 -13.49 23.53
N LEU B 435 -15.01 -12.80 24.43
CA LEU B 435 -14.33 -11.95 25.40
C LEU B 435 -13.58 -12.77 26.44
N LEU B 436 -13.97 -14.03 26.60
CA LEU B 436 -13.18 -14.98 27.37
C LEU B 436 -11.77 -15.13 26.77
N ALA B 437 -11.65 -15.07 25.44
CA ALA B 437 -10.34 -15.21 24.83
C ALA B 437 -9.50 -13.94 25.00
N ASN B 438 -10.13 -12.77 25.04
CA ASN B 438 -9.39 -11.53 25.22
C ASN B 438 -8.89 -11.39 26.67
N ILE B 439 -9.76 -11.68 27.63
CA ILE B 439 -9.26 -11.68 29.00
C ILE B 439 -8.57 -13.01 29.31
N ARG B 440 -8.46 -13.90 28.32
CA ARG B 440 -7.51 -15.00 28.43
C ARG B 440 -6.13 -14.59 27.94
N ILE B 441 -6.04 -13.79 26.86
CA ILE B 441 -4.74 -13.32 26.39
C ILE B 441 -4.22 -12.20 27.29
N ALA B 442 -5.02 -11.82 28.29
CA ALA B 442 -4.44 -11.32 29.54
C ALA B 442 -3.29 -12.21 30.03
N ARG B 443 -3.56 -13.49 30.31
CA ARG B 443 -2.55 -14.44 30.80
C ARG B 443 -3.03 -15.85 30.47
N PRO B 444 -2.46 -16.48 29.44
CA PRO B 444 -3.17 -17.57 28.75
C PRO B 444 -3.26 -18.88 29.50
N GLN B 445 -2.64 -19.00 30.67
CA GLN B 445 -2.80 -20.17 31.51
C GLN B 445 -3.89 -19.96 32.57
N ALA B 446 -4.88 -19.12 32.28
CA ALA B 446 -5.96 -18.82 33.21
C ALA B 446 -7.12 -19.76 32.98
N THR B 447 -7.81 -20.12 34.07
CA THR B 447 -9.03 -20.91 33.98
C THR B 447 -10.21 -19.96 33.83
N ARG B 448 -11.41 -20.53 33.69
CA ARG B 448 -12.61 -19.70 33.51
C ARG B 448 -12.98 -18.98 34.81
N GLN B 449 -12.80 -19.65 35.95
CA GLN B 449 -13.13 -19.05 37.24
C GLN B 449 -12.24 -17.86 37.55
N GLU B 450 -10.97 -17.88 37.10
CA GLU B 450 -10.11 -16.73 37.28
C GLU B 450 -10.59 -15.55 36.45
N VAL B 451 -11.15 -15.82 35.27
CA VAL B 451 -11.73 -14.76 34.45
C VAL B 451 -12.98 -14.19 35.12
N GLU B 452 -13.83 -15.04 35.70
CA GLU B 452 -15.02 -14.51 36.35
C GLU B 452 -14.69 -13.82 37.67
N GLU B 453 -13.54 -14.11 38.27
CA GLU B 453 -13.13 -13.37 39.46
C GLU B 453 -12.47 -12.05 39.10
N ALA B 454 -11.68 -12.02 38.03
CA ALA B 454 -10.96 -10.80 37.65
C ALA B 454 -11.68 -9.96 36.61
N ALA B 455 -12.91 -10.31 36.24
CA ALA B 455 -13.69 -9.42 35.40
C ALA B 455 -14.71 -8.62 36.20
N ARG B 456 -15.16 -9.17 37.33
CA ARG B 456 -16.06 -8.40 38.19
C ARG B 456 -15.30 -7.35 38.99
N ALA B 457 -13.99 -7.52 39.13
CA ALA B 457 -13.17 -6.55 39.85
C ALA B 457 -12.78 -5.37 38.97
N ALA B 458 -12.95 -5.50 37.65
CA ALA B 458 -12.81 -4.39 36.72
C ALA B 458 -14.13 -3.72 36.40
N GLN B 459 -15.21 -4.16 37.06
CA GLN B 459 -16.59 -3.70 36.84
C GLN B 459 -17.01 -3.86 35.38
N CYS B 460 -16.71 -5.02 34.82
CA CYS B 460 -17.08 -5.35 33.45
C CYS B 460 -18.15 -6.42 33.37
N LEU B 461 -18.47 -7.06 34.50
CA LEU B 461 -19.38 -8.21 34.48
C LEU B 461 -20.81 -7.79 34.18
N GLU B 462 -21.18 -6.56 34.54
CA GLU B 462 -22.50 -6.05 34.20
C GLU B 462 -22.63 -5.84 32.70
N PHE B 463 -21.54 -5.47 32.04
CA PHE B 463 -21.56 -5.36 30.59
C PHE B 463 -21.54 -6.73 29.94
N ILE B 464 -20.98 -7.73 30.65
CA ILE B 464 -21.01 -9.11 30.16
C ILE B 464 -22.43 -9.65 30.17
N SER B 465 -23.13 -9.47 31.30
CA SER B 465 -24.51 -9.93 31.38
C SER B 465 -25.44 -9.08 30.51
N ARG B 466 -25.06 -7.83 30.25
CA ARG B 466 -25.90 -6.96 29.44
C ARG B 466 -25.88 -7.37 27.96
N LEU B 467 -24.73 -7.85 27.49
CA LEU B 467 -24.65 -8.34 26.12
C LEU B 467 -25.25 -9.73 26.00
N PRO B 468 -25.69 -10.13 24.80
CA PRO B 468 -26.15 -11.51 24.60
C PRO B 468 -25.01 -12.52 24.61
N GLN B 469 -25.40 -13.79 24.53
CA GLN B 469 -24.57 -14.99 24.41
C GLN B 469 -23.69 -15.27 25.62
N GLY B 470 -23.76 -14.45 26.68
CA GLY B 470 -22.94 -14.67 27.86
C GLY B 470 -21.50 -14.24 27.71
N TRP B 471 -20.58 -15.17 27.93
CA TRP B 471 -19.15 -14.86 27.95
C TRP B 471 -18.45 -15.16 26.64
N LEU B 472 -19.01 -16.05 25.82
CA LEU B 472 -18.42 -16.43 24.55
C LEU B 472 -18.93 -15.60 23.39
N THR B 473 -19.28 -14.35 23.64
CA THR B 473 -19.95 -13.53 22.66
C THR B 473 -18.95 -12.79 21.77
N PRO B 474 -19.25 -12.64 20.48
CA PRO B 474 -18.50 -11.69 19.67
C PRO B 474 -19.04 -10.29 19.86
N MET B 475 -18.15 -9.32 19.87
CA MET B 475 -18.49 -7.93 20.14
C MET B 475 -18.88 -7.16 18.88
N GLY B 476 -19.18 -7.86 17.79
CA GLY B 476 -19.51 -7.22 16.54
C GLY B 476 -18.45 -7.45 15.49
N GLU B 477 -18.06 -6.39 14.79
CA GLU B 477 -16.99 -6.45 13.81
C GLU B 477 -15.72 -5.74 14.25
N MET B 478 -15.81 -4.77 15.17
CA MET B 478 -14.63 -4.19 15.78
C MET B 478 -14.83 -3.89 17.27
N GLY B 479 -15.80 -4.52 17.92
CA GLY B 479 -16.20 -4.09 19.23
C GLY B 479 -17.39 -3.17 19.13
N GLY B 480 -18.43 -3.61 18.42
CA GLY B 480 -19.55 -2.75 18.10
C GLY B 480 -20.43 -2.41 19.29
N GLN B 481 -20.74 -3.39 20.12
CA GLN B 481 -21.48 -3.11 21.35
C GLN B 481 -20.58 -2.65 22.48
N LEU B 482 -19.27 -2.58 22.26
CA LEU B 482 -18.32 -2.10 23.25
C LEU B 482 -18.02 -0.63 22.99
N SER B 483 -17.78 0.10 24.07
CA SER B 483 -17.67 1.55 24.03
C SER B 483 -16.48 1.99 24.86
N GLY B 484 -16.01 3.21 24.59
CA GLY B 484 -14.98 3.82 25.40
C GLY B 484 -15.48 4.08 26.81
N GLY B 485 -15.01 3.26 27.76
CA GLY B 485 -15.59 3.15 29.08
C GLY B 485 -16.07 1.74 29.39
N GLU B 486 -16.45 0.99 28.36
CA GLU B 486 -16.70 -0.43 28.48
C GLU B 486 -15.56 -1.26 27.91
N ARG B 487 -15.02 -0.87 26.75
CA ARG B 487 -13.86 -1.55 26.19
C ARG B 487 -12.58 -1.15 26.89
N GLN B 488 -12.59 -0.07 27.66
CA GLN B 488 -11.44 0.22 28.51
C GLN B 488 -11.41 -0.70 29.71
N ARG B 489 -12.58 -1.14 30.17
CA ARG B 489 -12.61 -2.06 31.29
C ARG B 489 -12.16 -3.46 30.90
N ILE B 490 -12.15 -3.78 29.59
CA ILE B 490 -11.45 -4.98 29.14
C ILE B 490 -9.94 -4.84 29.34
N SER B 491 -9.38 -3.69 28.98
CA SER B 491 -7.95 -3.48 29.16
C SER B 491 -7.58 -3.31 30.63
N ILE B 492 -8.55 -2.97 31.47
CA ILE B 492 -8.32 -2.99 32.92
C ILE B 492 -8.41 -4.41 33.45
N ALA B 493 -9.35 -5.21 32.93
CA ALA B 493 -9.51 -6.59 33.35
C ALA B 493 -8.32 -7.45 32.95
N ARG B 494 -7.63 -7.07 31.87
CA ARG B 494 -6.43 -7.80 31.46
C ARG B 494 -5.31 -7.60 32.47
N ALA B 495 -5.08 -6.36 32.91
CA ALA B 495 -4.05 -6.13 33.91
C ALA B 495 -4.49 -6.59 35.29
N LEU B 496 -5.80 -6.75 35.50
CA LEU B 496 -6.27 -7.27 36.78
C LEU B 496 -6.14 -8.79 36.83
N LEU B 497 -6.30 -9.46 35.69
CA LEU B 497 -6.13 -10.90 35.65
C LEU B 497 -4.67 -11.28 35.60
N LYS B 498 -3.85 -10.43 34.97
CA LYS B 498 -2.43 -10.74 34.84
C LYS B 498 -1.72 -10.63 36.18
N ASN B 499 -2.23 -9.78 37.08
CA ASN B 499 -1.69 -9.57 38.44
C ASN B 499 -0.22 -9.16 38.41
N ALA B 500 0.11 -8.25 37.51
CA ALA B 500 1.47 -7.77 37.39
C ALA B 500 1.79 -6.79 38.50
N PRO B 501 2.85 -7.00 39.29
CA PRO B 501 3.13 -6.10 40.41
C PRO B 501 3.64 -4.71 40.04
N VAL B 502 3.84 -4.41 38.76
CA VAL B 502 4.09 -3.04 38.31
C VAL B 502 3.16 -2.76 37.14
N VAL B 503 2.38 -1.69 37.26
CA VAL B 503 1.39 -1.33 36.26
C VAL B 503 1.71 0.06 35.76
N ILE B 504 1.94 0.18 34.47
CA ILE B 504 1.89 1.46 33.79
C ILE B 504 0.44 1.68 33.40
N LEU B 505 -0.08 2.88 33.61
CA LEU B 505 -1.51 3.12 33.45
C LEU B 505 -1.69 4.36 32.60
N ASP B 506 -1.76 4.19 31.27
CA ASP B 506 -2.10 5.34 30.45
C ASP B 506 -3.59 5.62 30.57
N GLU B 507 -3.92 6.58 31.43
CA GLU B 507 -5.33 6.77 31.77
C GLU B 507 -6.03 7.48 30.62
N PRO B 508 -7.15 6.91 30.17
CA PRO B 508 -7.87 7.51 29.03
C PRO B 508 -8.87 8.57 29.44
N THR B 509 -8.70 9.17 30.62
CA THR B 509 -9.71 10.03 31.24
C THR B 509 -10.08 11.24 30.38
N ALA B 510 -9.14 11.71 29.55
CA ALA B 510 -9.40 12.87 28.70
C ALA B 510 -10.42 12.54 27.61
N ALA B 511 -10.53 11.27 27.25
CA ALA B 511 -11.57 10.87 26.31
C ALA B 511 -12.79 10.29 27.04
N LEU B 512 -12.59 9.79 28.26
CA LEU B 512 -13.61 8.94 28.86
C LEU B 512 -14.36 9.62 30.01
N ASP B 513 -14.04 10.88 30.29
CA ASP B 513 -14.40 11.59 31.54
C ASP B 513 -15.91 11.63 31.79
N ILE B 514 -16.70 12.34 30.99
CA ILE B 514 -18.06 12.70 31.40
C ILE B 514 -18.98 11.48 31.35
N GLU B 515 -18.64 10.48 30.55
CA GLU B 515 -19.56 9.38 30.38
C GLU B 515 -19.21 8.19 31.28
N SER B 516 -17.92 7.93 31.50
CA SER B 516 -17.60 6.70 32.22
C SER B 516 -16.42 6.89 33.17
N GLU B 517 -16.21 8.11 33.66
CA GLU B 517 -15.11 8.34 34.59
C GLU B 517 -15.40 7.68 35.93
N LEU B 518 -16.68 7.53 36.27
CA LEU B 518 -17.06 6.83 37.50
C LEU B 518 -16.64 5.36 37.45
N ALA B 519 -16.97 4.67 36.35
CA ALA B 519 -16.65 3.25 36.25
C ALA B 519 -15.16 3.03 36.05
N VAL B 520 -14.50 3.90 35.28
CA VAL B 520 -13.08 3.74 35.02
C VAL B 520 -12.28 4.06 36.28
N GLN B 521 -12.73 5.05 37.06
CA GLN B 521 -12.03 5.38 38.29
C GLN B 521 -12.27 4.32 39.36
N LYS B 522 -13.45 3.69 39.36
CA LYS B 522 -13.67 2.58 40.28
C LYS B 522 -12.82 1.37 39.91
N ALA B 523 -12.66 1.10 38.60
CA ALA B 523 -11.83 -0.01 38.17
C ALA B 523 -10.35 0.25 38.45
N ILE B 524 -9.91 1.49 38.28
CA ILE B 524 -8.53 1.85 38.59
C ILE B 524 -8.27 1.78 40.09
N ASP B 525 -9.26 2.20 40.89
CA ASP B 525 -9.11 2.14 42.34
C ASP B 525 -9.14 0.71 42.85
N ASN B 526 -9.80 -0.19 42.12
CA ASN B 526 -9.63 -1.61 42.38
C ASN B 526 -8.25 -2.10 41.95
N LEU B 527 -7.69 -1.48 40.91
CA LEU B 527 -6.45 -1.98 40.32
C LEU B 527 -5.23 -1.55 41.12
N VAL B 528 -5.27 -0.39 41.77
CA VAL B 528 -4.05 0.20 42.31
C VAL B 528 -3.64 -0.44 43.62
N HIS B 529 -4.50 -1.31 44.17
CA HIS B 529 -4.28 -1.83 45.51
C HIS B 529 -3.13 -2.83 45.55
N ASN B 530 -2.10 -2.49 46.33
CA ASN B 530 -0.90 -3.26 46.62
C ASN B 530 -0.05 -3.56 45.38
N ARG B 531 0.02 -2.66 44.42
CA ARG B 531 0.99 -2.75 43.33
C ARG B 531 1.35 -1.32 42.91
N THR B 532 2.57 -1.15 42.42
CA THR B 532 3.03 0.14 41.94
C THR B 532 2.28 0.50 40.67
N VAL B 533 1.80 1.73 40.61
CA VAL B 533 1.04 2.23 39.47
C VAL B 533 1.64 3.56 39.05
N ILE B 534 2.03 3.66 37.79
CA ILE B 534 2.61 4.87 37.24
C ILE B 534 1.65 5.44 36.22
N ILE B 535 1.13 6.64 36.49
CA ILE B 535 0.00 7.20 35.76
C ILE B 535 0.34 8.62 35.30
N ILE B 536 -0.09 8.96 34.08
CA ILE B 536 -0.03 10.32 33.57
C ILE B 536 -1.43 10.70 33.14
N ALA B 537 -1.97 11.79 33.70
CA ALA B 537 -3.31 12.24 33.38
C ALA B 537 -3.44 13.72 33.73
N HIS B 538 -4.57 14.33 33.34
CA HIS B 538 -4.91 15.69 33.74
C HIS B 538 -6.35 15.71 34.26
N ARG B 539 -6.49 15.36 35.54
CA ARG B 539 -7.72 15.55 36.30
C ARG B 539 -7.29 15.94 37.71
N LEU B 540 -8.10 16.76 38.39
CA LEU B 540 -7.66 17.36 39.65
C LEU B 540 -7.47 16.31 40.74
N SER B 541 -8.27 15.24 40.70
CA SER B 541 -8.04 14.12 41.61
C SER B 541 -6.75 13.39 41.26
N THR B 542 -6.38 13.39 39.98
CA THR B 542 -5.16 12.72 39.56
C THR B 542 -3.97 13.68 39.57
N ILE B 543 -4.24 14.97 39.42
CA ILE B 543 -3.16 15.95 39.47
C ILE B 543 -2.72 16.18 40.91
N ALA B 544 -3.68 16.43 41.81
CA ALA B 544 -3.32 16.68 43.21
C ALA B 544 -3.14 15.36 43.96
N GLY B 545 -4.21 14.59 44.10
CA GLY B 545 -4.19 13.41 44.94
C GLY B 545 -3.65 12.16 44.27
N ALA B 546 -2.34 12.13 44.04
CA ALA B 546 -1.74 10.94 43.41
C ALA B 546 -0.70 10.28 44.29
N GLY B 547 0.28 11.03 44.75
CA GLY B 547 1.41 10.48 45.45
C GLY B 547 2.67 11.23 45.06
N ASN B 548 3.74 10.47 44.85
CA ASN B 548 4.98 11.07 44.37
C ASN B 548 4.80 11.56 42.93
N ILE B 549 4.68 12.87 42.78
CA ILE B 549 4.31 13.49 41.52
C ILE B 549 5.54 14.18 40.93
N LEU B 550 5.81 13.93 39.65
CA LEU B 550 7.04 14.35 39.00
C LEU B 550 6.71 15.38 37.93
N VAL B 551 7.65 16.29 37.67
CA VAL B 551 7.51 17.29 36.61
C VAL B 551 8.74 17.19 35.71
N MET B 552 8.50 17.03 34.40
CA MET B 552 9.56 16.84 33.42
C MET B 552 9.49 17.90 32.35
N GLU B 553 10.63 18.53 32.06
CA GLU B 553 10.77 19.44 30.91
C GLU B 553 11.88 18.91 30.00
N GLU B 554 11.47 18.35 28.86
CA GLU B 554 12.35 17.76 27.84
C GLU B 554 13.29 16.72 28.46
N GLY B 555 12.73 15.87 29.31
CA GLY B 555 13.52 14.85 29.96
C GLY B 555 14.47 15.36 31.02
N GLN B 556 14.02 16.27 31.87
CA GLN B 556 14.77 16.70 33.05
C GLN B 556 13.79 16.81 34.20
N VAL B 557 14.10 16.15 35.30
CA VAL B 557 13.15 16.01 36.41
C VAL B 557 13.31 17.18 37.38
N VAL B 558 12.18 17.81 37.71
CA VAL B 558 12.07 18.80 38.79
C VAL B 558 10.77 18.52 39.52
N GLU B 559 10.62 19.19 40.68
CA GLU B 559 9.40 19.20 41.50
C GLU B 559 8.97 17.79 41.92
N GLN B 560 9.80 17.20 42.76
CA GLN B 560 9.59 15.84 43.27
C GLN B 560 8.51 15.86 44.35
N GLY B 561 8.37 14.72 45.03
CA GLY B 561 7.51 14.64 46.20
C GLY B 561 6.02 14.67 45.85
N THR B 562 5.24 15.04 46.87
CA THR B 562 3.78 15.08 46.75
C THR B 562 3.38 16.43 46.14
N HIS B 563 2.07 16.61 45.94
CA HIS B 563 1.59 17.83 45.31
C HIS B 563 1.56 19.00 46.30
N ALA B 564 1.56 18.70 47.59
CA ALA B 564 1.44 19.75 48.60
C ALA B 564 2.71 20.58 48.70
N GLN B 565 3.88 19.92 48.79
CA GLN B 565 5.11 20.66 48.96
C GLN B 565 5.55 21.31 47.65
N LEU B 566 5.18 20.72 46.52
CA LEU B 566 5.47 21.35 45.23
C LEU B 566 4.52 22.52 44.98
N LEU B 567 3.29 22.43 45.52
CA LEU B 567 2.35 23.53 45.40
C LEU B 567 2.74 24.70 46.30
N SER B 568 3.17 24.40 47.53
CA SER B 568 3.57 25.46 48.45
C SER B 568 4.99 25.95 48.15
N HIS B 569 5.72 25.22 47.30
CA HIS B 569 7.01 25.69 46.83
C HIS B 569 6.87 26.90 45.91
N HIS B 570 5.69 27.03 45.26
CA HIS B 570 5.39 28.07 44.27
C HIS B 570 6.38 28.03 43.11
N GLY B 571 6.40 26.91 42.39
CA GLY B 571 7.26 26.77 41.24
C GLY B 571 6.49 26.48 39.98
N ARG B 572 6.81 25.36 39.32
CA ARG B 572 6.19 25.04 38.04
C ARG B 572 4.82 24.39 38.24
N TYR B 573 4.69 23.54 39.26
CA TYR B 573 3.45 22.81 39.48
C TYR B 573 2.34 23.75 39.93
N GLN B 574 2.66 24.73 40.78
CA GLN B 574 1.66 25.72 41.18
C GLN B 574 1.28 26.61 40.01
N ALA B 575 2.24 26.87 39.11
CA ALA B 575 1.96 27.69 37.94
C ALA B 575 1.01 26.97 36.99
N LEU B 576 1.20 25.67 36.78
CA LEU B 576 0.30 24.95 35.89
C LEU B 576 -1.01 24.60 36.57
N TRP B 577 -1.00 24.50 37.90
CA TRP B 577 -2.21 24.15 38.63
C TRP B 577 -3.12 25.35 38.84
N GLN B 578 -2.55 26.56 38.81
CA GLN B 578 -3.32 27.76 39.12
C GLN B 578 -4.34 28.07 38.02
N ALA B 579 -4.03 27.69 36.78
CA ALA B 579 -4.94 27.93 35.68
C ALA B 579 -6.12 26.96 35.70
#